data_6K96
#
_entry.id   6K96
#
_cell.length_a   101.180
_cell.length_b   101.180
_cell.length_c   389.662
_cell.angle_alpha   90.000
_cell.angle_beta   90.000
_cell.angle_gamma   120.000
#
_symmetry.space_group_name_H-M   'P 65 2 2'
#
loop_
_entity.id
_entity.type
_entity.pdbx_description
1 polymer 'Five-membered-cyclitol-phosphate synthase'
2 non-polymer NICOTINAMIDE-ADENINE-DINUCLEOTIDE
3 non-polymer 'SODIUM ION'
4 non-polymer GLYCEROL
5 water water
#
_entity_poly.entity_id   1
_entity_poly.type   'polypeptide(L)'
_entity_poly.pdbx_seq_one_letter_code
;MAESIRLAVAGVGNNISALFQGAELYRKMSAEGVAEADFPGIKRPRIGGIGVSDLTFVAAFDLHPNKVGVPFKDAVLAEP
NNYPLLGVELPDPGFSVDAGLTEEDADPSSPAFRRIVERLRESKAEVLLYSLPTGLQWAAIAYARAALEAKVAFVNCTPE
LVARTPELLEEFEKAGVPLIGDDLASHLGTSVVHRALLGLLSERGLSLASSYQLNLGGNEDFRNLRERGASKRQSKINAL
AQEGVDTSNVEVIPSAGYVAHLKDHKVAMLNIEGLGWAGTPVSIDLKLKVQDSSNAAGVIIDLIRIAAAARRVGFGGFSA
AAVKVLKSPAGGHPSYTSEDVAEAYRQLDAVTEAMAEKDPNSSSVDKLAALEHHHHHH
;
_entity_poly.pdbx_strand_id   A,B
#
# COMPACT_ATOMS: atom_id res chain seq x y z
N GLU A 3 -28.27 -23.47 -28.01
CA GLU A 3 -28.82 -22.14 -28.33
C GLU A 3 -28.08 -21.05 -27.55
N SER A 4 -27.56 -20.07 -28.29
CA SER A 4 -26.73 -18.93 -27.84
C SER A 4 -27.52 -18.02 -26.88
N ILE A 5 -26.89 -17.56 -25.81
CA ILE A 5 -27.44 -16.53 -24.88
C ILE A 5 -27.50 -15.16 -25.57
N ARG A 6 -28.70 -14.57 -25.61
CA ARG A 6 -28.90 -13.18 -26.07
C ARG A 6 -28.70 -12.26 -24.85
N LEU A 7 -27.60 -11.53 -24.85
CA LEU A 7 -27.08 -10.87 -23.65
C LEU A 7 -27.20 -9.37 -23.83
N ALA A 8 -27.76 -8.74 -22.80
CA ALA A 8 -27.77 -7.26 -22.67
C ALA A 8 -26.79 -6.93 -21.56
N VAL A 9 -26.22 -5.74 -21.62
CA VAL A 9 -25.08 -5.36 -20.76
C VAL A 9 -25.40 -3.96 -20.22
N ALA A 10 -25.50 -3.76 -18.93
CA ALA A 10 -25.52 -2.42 -18.33
C ALA A 10 -24.10 -2.17 -17.80
N GLY A 11 -23.32 -1.47 -18.56
CA GLY A 11 -21.96 -1.01 -18.21
C GLY A 11 -20.98 -1.73 -19.08
N VAL A 12 -20.28 -0.99 -19.93
CA VAL A 12 -19.40 -1.58 -20.96
C VAL A 12 -17.97 -1.27 -20.56
N GLY A 13 -17.59 -1.89 -19.44
CA GLY A 13 -16.26 -1.76 -18.82
C GLY A 13 -15.37 -2.92 -19.14
N ASN A 14 -14.25 -2.94 -18.41
CA ASN A 14 -13.14 -3.95 -18.49
C ASN A 14 -13.73 -5.37 -18.46
N ASN A 15 -14.68 -5.64 -17.58
CA ASN A 15 -15.35 -6.94 -17.44
C ASN A 15 -15.93 -7.40 -18.78
N ILE A 16 -16.55 -6.46 -19.53
CA ILE A 16 -17.29 -6.79 -20.79
C ILE A 16 -16.27 -6.93 -21.91
N SER A 17 -15.20 -6.15 -21.84
CA SER A 17 -14.09 -6.26 -22.80
C SER A 17 -13.53 -7.69 -22.71
N ALA A 18 -13.30 -8.15 -21.47
CA ALA A 18 -12.79 -9.50 -21.12
C ALA A 18 -13.78 -10.59 -21.58
N LEU A 19 -15.09 -10.42 -21.36
CA LEU A 19 -16.11 -11.45 -21.69
C LEU A 19 -16.28 -11.56 -23.19
N PHE A 20 -16.32 -10.40 -23.88
CA PHE A 20 -16.58 -10.29 -25.33
C PHE A 20 -15.39 -10.85 -26.11
N GLN A 21 -14.20 -10.30 -25.90
CA GLN A 21 -12.92 -10.83 -26.48
C GLN A 21 -12.75 -12.30 -26.05
N GLY A 22 -12.99 -12.62 -24.79
CA GLY A 22 -12.78 -13.99 -24.28
C GLY A 22 -13.57 -14.96 -25.12
N ALA A 23 -14.88 -14.74 -25.24
CA ALA A 23 -15.82 -15.61 -25.98
C ALA A 23 -15.30 -15.89 -27.40
N GLU A 24 -14.74 -14.89 -28.10
CA GLU A 24 -14.23 -15.09 -29.49
C GLU A 24 -12.86 -15.74 -29.50
N LEU A 25 -12.08 -15.65 -28.42
CA LEU A 25 -10.82 -16.41 -28.32
C LEU A 25 -11.18 -17.90 -28.24
N TYR A 26 -12.10 -18.32 -27.39
CA TYR A 26 -12.54 -19.74 -27.30
C TYR A 26 -13.18 -20.18 -28.62
N ARG A 27 -13.88 -19.30 -29.34
CA ARG A 27 -14.49 -19.68 -30.64
C ARG A 27 -13.35 -20.06 -31.59
N LYS A 28 -12.27 -19.28 -31.57
CA LYS A 28 -11.09 -19.41 -32.46
C LYS A 28 -10.37 -20.72 -32.12
N MET A 29 -10.21 -21.04 -30.84
CA MET A 29 -9.57 -22.30 -30.36
C MET A 29 -10.37 -23.51 -30.86
N SER A 30 -11.70 -23.39 -30.91
CA SER A 30 -12.59 -24.47 -31.43
C SER A 30 -12.27 -24.71 -32.91
N ALA A 31 -12.09 -23.61 -33.65
CA ALA A 31 -11.71 -23.65 -35.07
C ALA A 31 -10.36 -24.35 -35.16
N GLU A 32 -9.34 -23.81 -34.48
CA GLU A 32 -7.96 -24.35 -34.48
C GLU A 32 -7.96 -25.86 -34.23
N GLY A 33 -8.80 -26.35 -33.31
CA GLY A 33 -8.90 -27.80 -33.07
C GLY A 33 -8.71 -28.15 -31.61
N VAL A 34 -9.13 -27.25 -30.71
CA VAL A 34 -9.06 -27.48 -29.23
C VAL A 34 -10.44 -27.89 -28.74
N ALA A 35 -10.52 -29.03 -28.07
CA ALA A 35 -11.72 -29.48 -27.35
C ALA A 35 -11.87 -28.60 -26.12
N GLU A 36 -13.12 -28.43 -25.68
CA GLU A 36 -13.51 -27.52 -24.58
C GLU A 36 -13.05 -28.08 -23.23
N ALA A 37 -12.80 -29.39 -23.15
CA ALA A 37 -12.11 -30.07 -22.04
C ALA A 37 -10.80 -29.36 -21.73
N ASP A 38 -10.11 -28.97 -22.80
CA ASP A 38 -8.73 -28.43 -22.74
C ASP A 38 -8.77 -26.88 -22.73
N PHE A 39 -9.95 -26.25 -22.62
CA PHE A 39 -10.03 -24.77 -22.57
C PHE A 39 -9.38 -24.27 -21.28
N PRO A 40 -8.46 -23.29 -21.35
CA PRO A 40 -7.86 -22.71 -20.17
C PRO A 40 -8.83 -21.84 -19.38
N GLY A 41 -8.99 -22.09 -18.09
CA GLY A 41 -9.71 -21.18 -17.17
C GLY A 41 -11.18 -21.49 -17.07
N ILE A 42 -11.64 -22.59 -17.62
CA ILE A 42 -13.06 -22.95 -17.71
C ILE A 42 -13.38 -24.05 -16.69
N LYS A 43 -14.20 -23.71 -15.67
CA LYS A 43 -14.64 -24.71 -14.66
C LYS A 43 -15.68 -25.64 -15.33
N ARG A 44 -16.90 -25.12 -15.61
CA ARG A 44 -17.94 -25.89 -16.34
C ARG A 44 -17.90 -25.47 -17.79
N PRO A 45 -17.41 -26.34 -18.71
CA PRO A 45 -17.45 -26.02 -20.14
C PRO A 45 -18.87 -26.03 -20.71
N ARG A 46 -19.83 -26.60 -19.97
CA ARG A 46 -21.25 -26.67 -20.39
C ARG A 46 -22.11 -26.47 -19.13
N ILE A 47 -23.11 -25.60 -19.23
CA ILE A 47 -24.17 -25.45 -18.19
C ILE A 47 -25.49 -25.33 -18.93
N GLY A 48 -26.44 -26.20 -18.62
CA GLY A 48 -27.61 -26.46 -19.47
C GLY A 48 -27.25 -26.37 -20.96
N GLY A 49 -26.23 -27.08 -21.43
CA GLY A 49 -25.96 -27.18 -22.89
C GLY A 49 -25.29 -25.95 -23.45
N ILE A 50 -25.05 -24.96 -22.59
CA ILE A 50 -24.42 -23.67 -23.00
C ILE A 50 -22.91 -23.80 -22.89
N GLY A 51 -22.24 -23.61 -24.01
CA GLY A 51 -20.79 -23.43 -24.10
C GLY A 51 -20.40 -22.02 -23.71
N VAL A 52 -19.14 -21.86 -23.40
CA VAL A 52 -18.46 -20.62 -22.96
C VAL A 52 -18.45 -19.60 -24.11
N SER A 53 -18.74 -20.06 -25.32
CA SER A 53 -18.62 -19.28 -26.57
C SER A 53 -20.00 -19.01 -27.17
N ASP A 54 -21.05 -19.50 -26.51
CA ASP A 54 -22.45 -19.46 -27.00
C ASP A 54 -23.11 -18.20 -26.42
N LEU A 55 -22.64 -17.07 -26.95
CA LEU A 55 -22.82 -15.68 -26.48
C LEU A 55 -23.15 -14.84 -27.72
N THR A 56 -24.29 -14.14 -27.69
CA THR A 56 -24.59 -13.05 -28.64
C THR A 56 -24.90 -11.79 -27.83
N PHE A 57 -24.11 -10.74 -27.96
CA PHE A 57 -24.50 -9.40 -27.43
C PHE A 57 -25.56 -8.82 -28.38
N VAL A 58 -26.65 -8.35 -27.77
CA VAL A 58 -27.83 -7.86 -28.51
C VAL A 58 -28.07 -6.41 -28.14
N ALA A 59 -27.55 -5.94 -27.00
CA ALA A 59 -27.87 -4.62 -26.45
C ALA A 59 -26.89 -4.23 -25.36
N ALA A 60 -26.69 -2.94 -25.20
CA ALA A 60 -25.67 -2.36 -24.30
C ALA A 60 -26.11 -0.97 -23.86
N PHE A 61 -25.88 -0.66 -22.59
CA PHE A 61 -26.07 0.68 -22.00
C PHE A 61 -24.81 1.17 -21.32
N ASP A 62 -24.38 2.36 -21.75
CA ASP A 62 -23.40 3.20 -21.01
C ASP A 62 -23.85 4.68 -20.97
N LEU A 63 -23.01 5.51 -20.34
CA LEU A 63 -23.12 6.99 -20.21
C LEU A 63 -21.87 7.68 -20.77
N HIS A 64 -20.78 6.92 -20.97
CA HIS A 64 -19.48 7.55 -21.29
C HIS A 64 -19.46 7.94 -22.76
N PRO A 65 -19.07 9.18 -23.08
CA PRO A 65 -19.06 9.69 -24.45
C PRO A 65 -18.31 8.89 -25.52
N ASN A 66 -17.23 8.19 -25.11
CA ASN A 66 -16.43 7.25 -25.95
C ASN A 66 -17.25 6.01 -26.35
N LYS A 67 -18.28 5.68 -25.57
CA LYS A 67 -19.03 4.40 -25.66
C LYS A 67 -20.49 4.62 -26.12
N VAL A 68 -21.19 5.69 -25.73
CA VAL A 68 -22.62 5.90 -26.10
C VAL A 68 -22.73 6.34 -27.58
N GLY A 69 -23.57 5.61 -28.35
CA GLY A 69 -23.72 5.74 -29.81
C GLY A 69 -22.45 5.43 -30.60
N VAL A 70 -21.59 4.65 -29.98
CA VAL A 70 -20.51 3.91 -30.70
C VAL A 70 -21.00 2.49 -30.97
N PRO A 71 -20.67 1.91 -32.12
CA PRO A 71 -20.84 0.46 -32.30
C PRO A 71 -20.07 -0.38 -31.25
N PHE A 72 -20.77 -1.39 -30.72
CA PHE A 72 -20.41 -2.20 -29.53
C PHE A 72 -18.95 -2.69 -29.63
N LYS A 73 -18.62 -3.37 -30.73
CA LYS A 73 -17.27 -3.81 -31.10
C LYS A 73 -16.23 -2.76 -30.68
N ASP A 74 -16.51 -1.47 -30.93
CA ASP A 74 -15.52 -0.38 -30.74
C ASP A 74 -15.58 0.16 -29.30
N ALA A 75 -16.80 0.29 -28.79
CA ALA A 75 -17.16 0.74 -27.41
C ALA A 75 -16.44 -0.08 -26.32
N VAL A 76 -16.37 -1.42 -26.45
CA VAL A 76 -15.79 -2.31 -25.42
C VAL A 76 -14.30 -2.01 -25.35
N LEU A 77 -13.67 -1.63 -26.46
CA LEU A 77 -12.21 -1.43 -26.52
C LEU A 77 -11.88 0.03 -26.28
N ALA A 78 -12.86 0.84 -25.96
CA ALA A 78 -12.69 2.30 -25.99
C ALA A 78 -12.15 2.74 -24.63
N GLU A 79 -11.24 3.71 -24.68
CA GLU A 79 -10.66 4.35 -23.47
C GLU A 79 -11.84 4.78 -22.65
N PRO A 80 -11.89 4.63 -21.31
CA PRO A 80 -10.73 4.24 -20.49
C PRO A 80 -10.56 2.74 -20.11
N ASN A 81 -11.22 1.84 -20.85
CA ASN A 81 -11.04 0.35 -20.83
C ASN A 81 -9.59 0.03 -21.20
N ASN A 82 -8.95 -0.82 -20.38
CA ASN A 82 -7.49 -1.12 -20.50
C ASN A 82 -7.30 -2.62 -20.24
N TYR A 83 -8.35 -3.42 -20.33
CA TYR A 83 -8.20 -4.88 -20.57
C TYR A 83 -7.43 -5.01 -21.87
N PRO A 84 -6.49 -5.98 -22.00
CA PRO A 84 -5.62 -6.01 -23.17
C PRO A 84 -6.38 -6.46 -24.43
N LEU A 85 -5.89 -6.02 -25.61
CA LEU A 85 -6.30 -6.60 -26.92
C LEU A 85 -5.76 -8.02 -26.93
N LEU A 86 -6.66 -8.99 -26.89
CA LEU A 86 -6.29 -10.42 -26.84
C LEU A 86 -5.92 -10.89 -28.25
N GLY A 87 -6.03 -10.05 -29.28
CA GLY A 87 -5.47 -10.41 -30.60
C GLY A 87 -6.26 -11.57 -31.15
N VAL A 88 -7.48 -11.23 -31.54
CA VAL A 88 -8.53 -12.11 -32.12
C VAL A 88 -9.46 -11.15 -32.85
N GLU A 89 -9.74 -11.41 -34.13
CA GLU A 89 -10.64 -10.56 -34.94
C GLU A 89 -12.06 -10.79 -34.41
N LEU A 90 -12.54 -9.84 -33.60
CA LEU A 90 -13.87 -9.92 -32.93
C LEU A 90 -14.96 -9.67 -33.98
N PRO A 91 -16.11 -10.36 -33.89
CA PRO A 91 -17.20 -10.14 -34.83
C PRO A 91 -17.92 -8.83 -34.50
N ASP A 92 -18.53 -8.20 -35.49
CA ASP A 92 -19.39 -6.99 -35.31
C ASP A 92 -20.83 -7.47 -35.16
N PRO A 93 -21.43 -7.37 -33.95
CA PRO A 93 -22.74 -7.95 -33.67
C PRO A 93 -23.93 -7.08 -34.08
N GLY A 94 -23.64 -5.96 -34.73
CA GLY A 94 -24.58 -5.25 -35.62
C GLY A 94 -25.14 -3.99 -35.00
N PHE A 95 -24.87 -3.76 -33.70
CA PHE A 95 -25.64 -2.78 -32.90
C PHE A 95 -24.69 -1.75 -32.30
N SER A 96 -25.31 -0.79 -31.65
CA SER A 96 -24.66 0.40 -31.08
C SER A 96 -25.10 0.53 -29.64
N VAL A 97 -24.22 1.05 -28.81
CA VAL A 97 -24.45 1.17 -27.35
C VAL A 97 -25.51 2.25 -27.15
N ASP A 98 -26.68 1.90 -26.63
CA ASP A 98 -27.78 2.82 -26.21
C ASP A 98 -27.29 3.64 -25.00
N ALA A 99 -27.92 4.75 -24.66
CA ALA A 99 -27.59 5.58 -23.49
C ALA A 99 -28.17 4.92 -22.24
N GLY A 100 -27.42 4.90 -21.16
CA GLY A 100 -27.86 4.31 -19.88
C GLY A 100 -28.85 5.19 -19.14
N LEU A 101 -29.35 4.75 -17.98
CA LEU A 101 -30.09 5.54 -16.99
C LEU A 101 -29.13 6.43 -16.20
N THR A 102 -29.41 7.75 -16.21
CA THR A 102 -28.93 8.77 -15.24
C THR A 102 -29.80 8.70 -13.99
N GLU A 103 -29.24 9.16 -12.86
CA GLU A 103 -29.83 9.00 -11.49
C GLU A 103 -31.30 9.50 -11.50
N GLU A 104 -31.61 10.59 -12.21
CA GLU A 104 -32.97 11.21 -12.21
C GLU A 104 -33.97 10.29 -12.92
N ASP A 105 -33.54 9.52 -13.90
CA ASP A 105 -34.39 8.52 -14.60
C ASP A 105 -34.52 7.20 -13.81
N ALA A 106 -34.23 7.17 -12.51
CA ALA A 106 -34.37 5.94 -11.69
C ALA A 106 -35.78 5.34 -11.86
N ASP A 107 -36.80 6.18 -11.71
CA ASP A 107 -38.21 5.74 -11.54
C ASP A 107 -38.71 5.00 -12.79
N PRO A 108 -39.42 3.84 -12.66
CA PRO A 108 -39.95 3.09 -13.81
C PRO A 108 -40.83 3.86 -14.80
N SER A 109 -41.30 5.06 -14.40
CA SER A 109 -42.15 5.93 -15.23
C SER A 109 -41.31 6.91 -16.05
N SER A 110 -40.00 7.02 -15.84
CA SER A 110 -39.15 7.90 -16.69
C SER A 110 -39.21 7.42 -18.13
N PRO A 111 -39.03 8.27 -19.15
CA PRO A 111 -38.87 7.81 -20.53
C PRO A 111 -37.57 7.00 -20.78
N ALA A 112 -36.45 7.34 -20.14
CA ALA A 112 -35.17 6.56 -20.20
C ALA A 112 -35.47 5.09 -19.85
N PHE A 113 -36.02 4.91 -18.66
CA PHE A 113 -36.56 3.62 -18.19
C PHE A 113 -37.38 2.96 -19.30
N ARG A 114 -38.25 3.73 -19.98
CA ARG A 114 -39.17 3.13 -20.98
C ARG A 114 -38.35 2.65 -22.18
N ARG A 115 -37.37 3.46 -22.59
CA ARG A 115 -36.48 3.08 -23.71
C ARG A 115 -35.74 1.77 -23.38
N ILE A 116 -35.21 1.60 -22.15
CA ILE A 116 -34.39 0.40 -21.78
C ILE A 116 -35.29 -0.83 -21.85
N VAL A 117 -36.47 -0.74 -21.20
CA VAL A 117 -37.47 -1.85 -21.18
C VAL A 117 -37.86 -2.20 -22.62
N GLU A 118 -38.01 -1.20 -23.48
CA GLU A 118 -38.42 -1.44 -24.88
C GLU A 118 -37.21 -2.06 -25.56
N ARG A 119 -36.01 -1.63 -25.27
CA ARG A 119 -34.80 -2.12 -25.97
C ARG A 119 -34.51 -3.59 -25.58
N LEU A 120 -34.73 -3.98 -24.32
CA LEU A 120 -34.57 -5.40 -23.86
C LEU A 120 -35.62 -6.28 -24.55
N ARG A 121 -36.84 -5.78 -24.69
CA ARG A 121 -37.99 -6.48 -25.35
C ARG A 121 -37.69 -6.68 -26.85
N GLU A 122 -37.15 -5.66 -27.51
CA GLU A 122 -36.94 -5.60 -28.98
C GLU A 122 -35.72 -6.43 -29.35
N SER A 123 -34.65 -6.37 -28.56
CA SER A 123 -33.42 -7.21 -28.75
C SER A 123 -33.65 -8.64 -28.29
N LYS A 124 -34.79 -8.92 -27.68
CA LYS A 124 -35.14 -10.32 -27.25
C LYS A 124 -34.00 -10.82 -26.33
N ALA A 125 -33.42 -9.95 -25.51
CA ALA A 125 -32.40 -10.33 -24.52
C ALA A 125 -32.98 -11.38 -23.58
N GLU A 126 -32.12 -12.22 -23.03
CA GLU A 126 -32.52 -13.27 -22.07
C GLU A 126 -31.99 -12.87 -20.71
N VAL A 127 -30.83 -12.24 -20.72
CA VAL A 127 -30.04 -11.89 -19.52
C VAL A 127 -29.67 -10.43 -19.66
N LEU A 128 -29.85 -9.67 -18.59
CA LEU A 128 -29.22 -8.34 -18.49
C LEU A 128 -28.09 -8.47 -17.46
N LEU A 129 -26.84 -8.21 -17.92
CA LEU A 129 -25.62 -8.18 -17.08
C LEU A 129 -25.41 -6.78 -16.48
N TYR A 130 -25.57 -6.65 -15.17
CA TYR A 130 -25.29 -5.37 -14.46
C TYR A 130 -23.81 -5.26 -14.12
N SER A 131 -23.06 -4.38 -14.78
CA SER A 131 -21.59 -4.33 -14.70
C SER A 131 -21.14 -2.86 -14.44
N LEU A 132 -21.87 -2.14 -13.61
CA LEU A 132 -21.59 -0.70 -13.34
C LEU A 132 -20.54 -0.63 -12.24
N PRO A 133 -19.94 0.57 -12.09
CA PRO A 133 -19.26 0.97 -10.87
C PRO A 133 -20.06 0.66 -9.60
N THR A 134 -19.27 0.31 -8.63
CA THR A 134 -19.70 -0.14 -7.29
C THR A 134 -20.09 1.15 -6.63
N GLY A 135 -21.13 1.12 -5.78
CA GLY A 135 -21.67 2.29 -5.03
C GLY A 135 -22.99 2.83 -5.56
N LEU A 136 -23.50 2.39 -6.71
CA LEU A 136 -24.73 2.99 -7.33
C LEU A 136 -25.94 2.07 -7.09
N GLN A 137 -26.42 2.08 -5.84
CA GLN A 137 -27.65 1.39 -5.35
C GLN A 137 -28.89 1.80 -6.15
N TRP A 138 -29.03 3.05 -6.54
CA TRP A 138 -30.23 3.48 -7.33
C TRP A 138 -30.23 2.75 -8.68
N ALA A 139 -29.05 2.54 -9.27
CA ALA A 139 -28.94 2.02 -10.65
C ALA A 139 -29.25 0.51 -10.65
N ALA A 140 -28.61 -0.23 -9.74
CA ALA A 140 -28.84 -1.67 -9.54
C ALA A 140 -30.34 -1.91 -9.38
N ILE A 141 -31.01 -1.14 -8.54
CA ILE A 141 -32.49 -1.31 -8.37
C ILE A 141 -33.19 -1.05 -9.71
N ALA A 142 -32.84 0.07 -10.34
CA ALA A 142 -33.49 0.55 -11.58
C ALA A 142 -33.29 -0.46 -12.74
N TYR A 143 -32.05 -0.78 -13.10
CA TYR A 143 -31.79 -1.80 -14.15
C TYR A 143 -32.51 -3.10 -13.83
N ALA A 144 -32.70 -3.39 -12.56
CA ALA A 144 -33.31 -4.69 -12.16
C ALA A 144 -34.84 -4.62 -12.41
N ARG A 145 -35.48 -3.50 -12.16
CA ARG A 145 -36.95 -3.36 -12.39
C ARG A 145 -37.17 -3.30 -13.90
N ALA A 146 -36.24 -2.71 -14.63
CA ALA A 146 -36.25 -2.62 -16.10
C ALA A 146 -36.27 -4.05 -16.65
N ALA A 147 -35.33 -4.87 -16.17
CA ALA A 147 -35.17 -6.28 -16.56
C ALA A 147 -36.40 -7.04 -16.12
N LEU A 148 -36.84 -6.80 -14.89
CA LEU A 148 -38.01 -7.49 -14.31
C LEU A 148 -39.22 -7.30 -15.21
N GLU A 149 -39.58 -6.02 -15.48
CA GLU A 149 -40.77 -5.66 -16.29
C GLU A 149 -40.64 -6.32 -17.66
N ALA A 150 -39.41 -6.36 -18.21
CA ALA A 150 -39.08 -6.91 -19.56
C ALA A 150 -39.05 -8.45 -19.58
N LYS A 151 -39.20 -9.09 -18.41
CA LYS A 151 -39.17 -10.57 -18.19
C LYS A 151 -37.76 -11.11 -18.43
N VAL A 152 -36.72 -10.31 -18.22
CA VAL A 152 -35.33 -10.68 -18.61
C VAL A 152 -34.55 -10.98 -17.31
N ALA A 153 -33.85 -12.12 -17.27
CA ALA A 153 -32.98 -12.50 -16.11
C ALA A 153 -32.03 -11.36 -15.78
N PHE A 154 -31.86 -11.03 -14.49
CA PHE A 154 -30.88 -10.03 -13.99
C PHE A 154 -29.68 -10.65 -13.27
N VAL A 155 -28.45 -10.22 -13.63
CA VAL A 155 -27.20 -10.70 -12.97
C VAL A 155 -26.44 -9.52 -12.37
N ASN A 156 -26.34 -9.43 -11.04
CA ASN A 156 -25.59 -8.38 -10.30
C ASN A 156 -24.13 -8.77 -9.98
N CYS A 157 -23.14 -8.29 -10.75
CA CYS A 157 -21.68 -8.35 -10.45
C CYS A 157 -21.24 -7.56 -9.19
N THR A 158 -22.07 -6.63 -8.68
CA THR A 158 -21.60 -5.57 -7.74
C THR A 158 -22.06 -5.91 -6.31
N PRO A 159 -21.49 -5.23 -5.28
CA PRO A 159 -21.91 -5.42 -3.90
C PRO A 159 -23.24 -4.76 -3.53
N GLU A 160 -23.85 -4.01 -4.45
CA GLU A 160 -25.17 -3.38 -4.20
C GLU A 160 -26.20 -4.46 -3.87
N LEU A 161 -27.13 -4.13 -2.97
CA LEU A 161 -28.25 -5.02 -2.56
C LEU A 161 -29.25 -5.09 -3.72
N VAL A 162 -29.44 -6.28 -4.29
CA VAL A 162 -30.48 -6.60 -5.31
C VAL A 162 -31.06 -7.97 -4.95
N ALA A 163 -30.33 -9.05 -5.20
CA ALA A 163 -30.82 -10.39 -4.82
C ALA A 163 -31.00 -10.43 -3.29
N ARG A 164 -30.37 -9.48 -2.57
CA ARG A 164 -30.38 -9.40 -1.08
C ARG A 164 -31.51 -8.51 -0.53
N THR A 165 -32.15 -7.63 -1.32
CA THR A 165 -33.37 -6.88 -0.88
C THR A 165 -34.56 -7.85 -0.97
N PRO A 166 -35.08 -8.33 0.19
CA PRO A 166 -35.99 -9.47 0.22
C PRO A 166 -37.23 -9.34 -0.68
N GLU A 167 -37.81 -8.12 -0.73
CA GLU A 167 -39.05 -7.80 -1.46
C GLU A 167 -38.82 -7.83 -2.99
N LEU A 168 -37.66 -7.37 -3.48
CA LEU A 168 -37.39 -7.40 -4.95
C LEU A 168 -37.18 -8.85 -5.41
N LEU A 169 -36.53 -9.70 -4.60
CA LEU A 169 -36.40 -11.16 -4.89
C LEU A 169 -37.79 -11.79 -5.09
N GLU A 170 -38.70 -11.61 -4.11
CA GLU A 170 -40.13 -12.09 -4.19
C GLU A 170 -40.72 -11.79 -5.57
N GLU A 171 -40.57 -10.56 -6.07
CA GLU A 171 -41.17 -10.18 -7.37
C GLU A 171 -40.59 -11.11 -8.45
N PHE A 172 -39.27 -11.11 -8.60
CA PHE A 172 -38.54 -11.97 -9.56
C PHE A 172 -39.00 -13.44 -9.43
N GLU A 173 -39.04 -13.99 -8.20
CA GLU A 173 -39.61 -15.35 -7.92
C GLU A 173 -40.97 -15.48 -8.62
N LYS A 174 -41.87 -14.53 -8.37
CA LYS A 174 -43.29 -14.51 -8.82
C LYS A 174 -43.42 -14.43 -10.35
N ALA A 175 -42.47 -13.84 -11.08
CA ALA A 175 -42.60 -13.68 -12.54
C ALA A 175 -41.97 -14.85 -13.29
N GLY A 176 -41.40 -15.87 -12.63
CA GLY A 176 -40.62 -16.93 -13.29
C GLY A 176 -39.32 -16.40 -13.89
N VAL A 177 -38.75 -15.34 -13.28
CA VAL A 177 -37.54 -14.66 -13.83
C VAL A 177 -36.40 -14.88 -12.86
N PRO A 178 -35.21 -15.32 -13.36
CA PRO A 178 -34.05 -15.53 -12.50
C PRO A 178 -33.44 -14.18 -12.09
N LEU A 179 -33.05 -14.10 -10.82
CA LEU A 179 -32.26 -12.97 -10.24
C LEU A 179 -30.99 -13.56 -9.60
N ILE A 180 -29.86 -13.38 -10.26
CA ILE A 180 -28.55 -13.91 -9.81
C ILE A 180 -27.77 -12.76 -9.17
N GLY A 181 -27.50 -12.88 -7.88
CA GLY A 181 -26.72 -11.86 -7.14
C GLY A 181 -26.50 -12.29 -5.70
N ASP A 182 -25.65 -11.60 -4.94
CA ASP A 182 -24.93 -10.41 -5.37
C ASP A 182 -23.41 -10.59 -5.24
N ASP A 183 -22.67 -9.84 -6.06
CA ASP A 183 -21.23 -9.51 -5.88
C ASP A 183 -20.38 -10.69 -6.31
N LEU A 184 -19.69 -10.55 -7.45
CA LEU A 184 -18.72 -11.55 -7.97
C LEU A 184 -17.68 -11.88 -6.92
N ALA A 185 -17.43 -13.16 -6.71
CA ALA A 185 -16.18 -13.68 -6.10
C ALA A 185 -15.15 -13.84 -7.23
N SER A 186 -14.03 -13.16 -7.22
CA SER A 186 -12.97 -13.24 -8.29
C SER A 186 -12.65 -14.72 -8.58
N HIS A 187 -12.43 -15.09 -9.84
CA HIS A 187 -12.11 -16.46 -10.27
C HIS A 187 -11.08 -17.04 -9.30
N LEU A 188 -9.98 -16.31 -9.16
CA LEU A 188 -8.93 -16.63 -8.18
C LEU A 188 -8.42 -15.34 -7.59
N GLY A 189 -8.97 -14.91 -6.48
CA GLY A 189 -8.62 -13.60 -5.95
C GLY A 189 -7.68 -13.68 -4.77
N THR A 190 -7.23 -12.50 -4.36
CA THR A 190 -6.33 -12.31 -3.23
C THR A 190 -6.83 -13.11 -2.04
N SER A 191 -8.11 -12.93 -1.79
CA SER A 191 -8.85 -13.35 -0.58
C SER A 191 -8.91 -14.88 -0.44
N VAL A 192 -9.23 -15.53 -1.54
CA VAL A 192 -9.40 -16.98 -1.52
C VAL A 192 -8.01 -17.60 -1.29
N VAL A 193 -6.93 -17.00 -1.85
CA VAL A 193 -5.55 -17.48 -1.60
C VAL A 193 -5.21 -17.21 -0.15
N HIS A 194 -5.47 -16.00 0.35
CA HIS A 194 -5.09 -15.61 1.73
C HIS A 194 -5.76 -16.58 2.69
N ARG A 195 -7.04 -16.87 2.48
CA ARG A 195 -7.89 -17.61 3.45
C ARG A 195 -7.50 -19.08 3.48
N ALA A 196 -7.13 -19.63 2.31
CA ALA A 196 -6.71 -21.03 2.15
C ALA A 196 -5.45 -21.23 3.01
N LEU A 197 -4.53 -20.27 2.95
CA LEU A 197 -3.23 -20.36 3.66
C LEU A 197 -3.48 -20.24 5.17
N LEU A 198 -4.39 -19.36 5.59
CA LEU A 198 -4.67 -19.19 7.05
C LEU A 198 -5.37 -20.44 7.55
N GLY A 199 -6.19 -21.06 6.67
CA GLY A 199 -6.93 -22.32 6.91
C GLY A 199 -5.94 -23.43 7.24
N LEU A 200 -4.88 -23.52 6.43
CA LEU A 200 -3.76 -24.48 6.56
C LEU A 200 -3.12 -24.31 7.93
N LEU A 201 -2.82 -23.08 8.35
CA LEU A 201 -2.11 -22.86 9.63
C LEU A 201 -2.90 -23.37 10.81
N SER A 202 -4.22 -23.20 10.83
CA SER A 202 -5.02 -23.53 12.03
C SER A 202 -5.52 -24.98 11.96
N GLU A 203 -5.82 -25.51 10.77
CA GLU A 203 -6.06 -26.96 10.48
C GLU A 203 -4.91 -27.75 11.13
N ARG A 204 -3.64 -27.36 10.95
CA ARG A 204 -2.46 -28.17 11.43
C ARG A 204 -2.08 -27.72 12.84
N GLY A 205 -2.68 -26.66 13.36
CA GLY A 205 -2.45 -26.35 14.79
C GLY A 205 -1.32 -25.38 14.98
N LEU A 206 -0.91 -24.66 13.94
CA LEU A 206 0.01 -23.51 14.09
C LEU A 206 -0.77 -22.31 14.63
N SER A 207 -0.10 -21.48 15.44
CA SER A 207 -0.69 -20.19 15.93
C SER A 207 -0.40 -19.06 14.95
N LEU A 208 -1.38 -18.21 14.68
CA LEU A 208 -1.16 -16.97 13.85
C LEU A 208 -0.65 -15.83 14.76
N ALA A 209 0.51 -15.27 14.49
CA ALA A 209 1.05 -14.08 15.18
C ALA A 209 0.49 -12.81 14.50
N SER A 210 0.45 -12.83 13.16
CA SER A 210 -0.03 -11.70 12.36
C SER A 210 -0.13 -12.14 10.90
N SER A 211 -0.76 -11.31 10.09
CA SER A 211 -0.90 -11.44 8.62
C SER A 211 -1.27 -10.04 8.08
N TYR A 212 -0.89 -9.72 6.87
CA TYR A 212 -1.35 -8.51 6.14
C TYR A 212 -1.47 -8.94 4.70
N GLN A 213 -2.36 -8.26 3.98
CA GLN A 213 -2.59 -8.44 2.54
C GLN A 213 -2.84 -7.05 2.04
N LEU A 214 -2.21 -6.68 0.93
CA LEU A 214 -2.35 -5.36 0.30
C LEU A 214 -2.45 -5.59 -1.21
N ASN A 215 -3.24 -4.74 -1.93
CA ASN A 215 -3.60 -4.89 -3.36
C ASN A 215 -3.30 -3.61 -4.14
N LEU A 216 -2.92 -3.70 -5.41
CA LEU A 216 -2.50 -2.60 -6.27
C LEU A 216 -3.27 -2.78 -7.57
N GLY A 217 -3.79 -1.71 -8.16
CA GLY A 217 -4.46 -1.78 -9.46
C GLY A 217 -4.31 -0.47 -10.23
N GLY A 218 -4.70 -0.46 -11.50
CA GLY A 218 -4.62 0.74 -12.34
C GLY A 218 -5.80 0.95 -13.28
N ASN A 219 -6.99 0.48 -12.95
CA ASN A 219 -8.16 0.53 -13.84
C ASN A 219 -9.27 1.37 -13.17
N GLU A 220 -10.36 1.58 -13.89
CA GLU A 220 -11.44 2.44 -13.42
C GLU A 220 -12.03 1.81 -12.14
N ASP A 221 -12.19 0.49 -12.10
CA ASP A 221 -12.81 -0.20 -10.93
C ASP A 221 -11.97 0.17 -9.70
N PHE A 222 -10.66 0.04 -9.81
CA PHE A 222 -9.75 0.17 -8.66
C PHE A 222 -9.78 1.64 -8.21
N ARG A 223 -9.66 2.55 -9.16
CA ARG A 223 -9.79 4.03 -9.00
C ARG A 223 -11.13 4.41 -8.31
N ASN A 224 -12.23 3.75 -8.69
CA ASN A 224 -13.54 3.92 -8.01
C ASN A 224 -13.44 3.44 -6.56
N LEU A 225 -13.08 2.20 -6.32
CA LEU A 225 -13.03 1.67 -4.92
C LEU A 225 -12.10 2.55 -4.05
N ARG A 226 -10.93 2.95 -4.56
CA ARG A 226 -9.98 3.84 -3.83
C ARG A 226 -10.69 5.16 -3.43
N THR A 247 -7.28 -13.53 14.24
CA THR A 247 -7.67 -12.32 13.43
C THR A 247 -7.49 -11.01 14.18
N SER A 248 -7.28 -11.04 15.50
CA SER A 248 -6.74 -9.93 16.35
C SER A 248 -5.65 -9.10 15.60
N ASN A 249 -4.73 -9.74 14.87
CA ASN A 249 -3.59 -9.03 14.23
C ASN A 249 -3.51 -9.39 12.75
N VAL A 250 -4.61 -9.77 12.10
CA VAL A 250 -4.76 -9.71 10.61
C VAL A 250 -5.10 -8.26 10.17
N GLU A 251 -4.52 -7.76 9.06
CA GLU A 251 -4.78 -6.39 8.57
C GLU A 251 -5.05 -6.47 7.10
N VAL A 252 -6.22 -6.05 6.65
CA VAL A 252 -6.45 -6.14 5.17
C VAL A 252 -6.48 -4.74 4.61
N ILE A 253 -5.60 -4.44 3.65
CA ILE A 253 -5.66 -3.14 2.93
C ILE A 253 -6.07 -3.36 1.46
N PRO A 254 -7.40 -3.26 1.18
CA PRO A 254 -7.92 -3.62 -0.14
C PRO A 254 -7.54 -2.57 -1.18
N SER A 255 -7.00 -1.41 -0.76
CA SER A 255 -6.62 -0.33 -1.69
C SER A 255 -5.26 0.30 -1.34
N ALA A 256 -4.20 -0.51 -1.38
CA ALA A 256 -2.82 -0.13 -1.04
C ALA A 256 -2.32 0.97 -1.96
N GLY A 257 -2.88 1.12 -3.15
CA GLY A 257 -2.37 2.20 -4.03
C GLY A 257 -2.77 2.01 -5.48
N TYR A 258 -3.07 3.13 -6.12
CA TYR A 258 -3.37 3.12 -7.55
C TYR A 258 -2.03 3.26 -8.27
N VAL A 259 -1.80 2.36 -9.22
CA VAL A 259 -0.55 2.30 -10.02
C VAL A 259 -0.97 2.24 -11.48
N ALA A 260 -0.84 3.36 -12.18
CA ALA A 260 -1.46 3.56 -13.51
C ALA A 260 -0.90 2.52 -14.48
N HIS A 261 0.41 2.21 -14.43
CA HIS A 261 1.06 1.31 -15.42
C HIS A 261 0.52 -0.14 -15.26
N LEU A 262 -0.08 -0.51 -14.12
CA LEU A 262 -0.72 -1.83 -13.93
C LEU A 262 -2.02 -2.00 -14.70
N LYS A 263 -2.69 -0.92 -15.13
CA LYS A 263 -3.94 -1.04 -15.93
C LYS A 263 -4.92 -2.01 -15.26
N ASP A 264 -5.41 -3.01 -16.03
CA ASP A 264 -6.40 -3.99 -15.53
C ASP A 264 -5.73 -5.13 -14.78
N HIS A 265 -4.39 -5.15 -14.62
CA HIS A 265 -3.70 -6.12 -13.75
C HIS A 265 -3.94 -5.79 -12.28
N LYS A 266 -4.01 -6.80 -11.43
CA LYS A 266 -4.09 -6.53 -10.00
C LYS A 266 -2.96 -7.31 -9.36
N VAL A 267 -2.19 -6.67 -8.49
CA VAL A 267 -1.08 -7.31 -7.76
C VAL A 267 -1.47 -7.31 -6.30
N ALA A 268 -1.21 -8.42 -5.61
CA ALA A 268 -1.51 -8.61 -4.19
C ALA A 268 -0.24 -9.08 -3.56
N MET A 269 0.08 -8.63 -2.36
CA MET A 269 1.26 -9.14 -1.65
C MET A 269 0.76 -9.54 -0.27
N LEU A 270 1.07 -10.75 0.21
CA LEU A 270 0.64 -11.07 1.58
C LEU A 270 1.78 -11.68 2.39
N ASN A 271 1.67 -11.47 3.68
CA ASN A 271 2.59 -11.95 4.73
C ASN A 271 1.76 -12.72 5.76
N ILE A 272 2.24 -13.89 6.18
CA ILE A 272 1.69 -14.64 7.33
C ILE A 272 2.86 -14.94 8.22
N GLU A 273 2.77 -14.62 9.50
CA GLU A 273 3.76 -15.01 10.52
C GLU A 273 3.05 -15.98 11.45
N GLY A 274 3.28 -17.29 11.32
CA GLY A 274 2.75 -18.30 12.25
C GLY A 274 3.74 -18.63 13.36
N LEU A 275 3.28 -19.40 14.34
CA LEU A 275 4.19 -19.91 15.37
C LEU A 275 3.94 -21.39 15.46
N GLY A 276 5.05 -22.12 15.48
CA GLY A 276 5.15 -23.59 15.38
C GLY A 276 5.48 -24.16 16.73
N TRP A 277 5.80 -25.44 16.78
CA TRP A 277 6.29 -26.09 18.01
C TRP A 277 7.29 -25.18 18.72
N ALA A 278 7.12 -24.97 20.02
CA ALA A 278 8.08 -24.24 20.86
C ALA A 278 8.08 -22.74 20.59
N GLY A 279 7.06 -22.23 19.88
CA GLY A 279 6.99 -20.84 19.44
C GLY A 279 8.01 -20.50 18.37
N THR A 280 8.53 -21.45 17.58
CA THR A 280 9.43 -21.08 16.45
C THR A 280 8.62 -20.47 15.31
N PRO A 281 9.14 -19.45 14.61
CA PRO A 281 8.36 -18.78 13.56
C PRO A 281 8.22 -19.62 12.28
N VAL A 282 7.02 -19.52 11.72
CA VAL A 282 6.68 -19.99 10.36
C VAL A 282 6.38 -18.71 9.60
N SER A 283 7.19 -18.33 8.63
CA SER A 283 7.04 -17.13 7.80
C SER A 283 6.54 -17.50 6.41
N ILE A 284 5.53 -16.81 5.85
CA ILE A 284 5.07 -16.97 4.44
C ILE A 284 5.01 -15.59 3.79
N ASP A 285 5.57 -15.46 2.61
CA ASP A 285 5.63 -14.21 1.82
C ASP A 285 5.08 -14.66 0.48
N LEU A 286 4.07 -13.93 -0.05
CA LEU A 286 3.38 -14.37 -1.27
C LEU A 286 3.11 -13.16 -2.18
N LYS A 287 3.22 -13.31 -3.50
CA LYS A 287 2.86 -12.31 -4.51
C LYS A 287 1.97 -13.00 -5.54
N LEU A 288 0.84 -12.35 -5.87
CA LEU A 288 -0.17 -12.81 -6.86
C LEU A 288 -0.29 -11.70 -7.87
N LYS A 289 -0.17 -12.01 -9.14
CA LYS A 289 -0.52 -11.10 -10.24
C LYS A 289 -1.62 -11.78 -11.02
N VAL A 290 -2.70 -11.07 -11.41
CA VAL A 290 -3.79 -11.57 -12.29
C VAL A 290 -4.24 -10.46 -13.25
N GLN A 291 -4.85 -10.83 -14.38
CA GLN A 291 -5.68 -9.94 -15.25
C GLN A 291 -7.04 -9.74 -14.51
N ASP A 292 -7.19 -8.71 -13.70
CA ASP A 292 -8.30 -8.54 -12.70
C ASP A 292 -9.67 -8.83 -13.38
N SER A 293 -9.90 -8.32 -14.57
CA SER A 293 -11.18 -8.49 -15.28
C SER A 293 -11.30 -9.88 -15.94
N SER A 294 -10.23 -10.68 -16.03
CA SER A 294 -10.37 -12.15 -16.31
C SER A 294 -10.90 -12.81 -15.04
N ASN A 295 -10.56 -12.29 -13.87
CA ASN A 295 -11.12 -12.81 -12.61
C ASN A 295 -12.62 -12.55 -12.60
N ALA A 296 -13.11 -11.53 -13.30
CA ALA A 296 -14.57 -11.26 -13.41
C ALA A 296 -15.17 -12.19 -14.44
N ALA A 297 -14.57 -12.26 -15.61
CA ALA A 297 -15.08 -12.99 -16.78
C ALA A 297 -15.22 -14.46 -16.44
N GLY A 298 -14.17 -15.01 -15.80
CA GLY A 298 -14.09 -16.42 -15.34
C GLY A 298 -15.31 -16.83 -14.54
N VAL A 299 -16.05 -15.88 -13.97
CA VAL A 299 -17.18 -16.16 -13.06
C VAL A 299 -18.49 -15.64 -13.70
N ILE A 300 -18.43 -14.53 -14.42
CA ILE A 300 -19.63 -14.03 -15.15
C ILE A 300 -20.07 -15.16 -16.09
N ILE A 301 -19.18 -15.72 -16.86
CA ILE A 301 -19.58 -16.76 -17.85
C ILE A 301 -20.36 -17.90 -17.14
N ASP A 302 -20.10 -18.24 -15.87
CA ASP A 302 -20.96 -19.20 -15.13
C ASP A 302 -22.33 -18.52 -14.77
N LEU A 303 -22.35 -17.35 -14.15
CA LEU A 303 -23.60 -16.69 -13.70
C LEU A 303 -24.54 -16.44 -14.90
N ILE A 304 -24.00 -15.88 -15.99
CA ILE A 304 -24.66 -15.67 -17.32
C ILE A 304 -25.43 -16.94 -17.72
N ARG A 305 -24.80 -18.10 -17.57
CA ARG A 305 -25.36 -19.37 -18.08
C ARG A 305 -26.35 -19.90 -17.07
N ILE A 306 -26.12 -19.70 -15.77
CA ILE A 306 -27.12 -20.12 -14.75
C ILE A 306 -28.37 -19.30 -15.02
N ALA A 307 -28.19 -18.01 -15.30
CA ALA A 307 -29.23 -17.06 -15.73
C ALA A 307 -30.06 -17.61 -16.89
N ALA A 308 -29.47 -17.70 -18.08
CA ALA A 308 -30.18 -18.09 -19.32
C ALA A 308 -30.89 -19.43 -19.12
N ALA A 309 -30.15 -20.46 -18.68
CA ALA A 309 -30.67 -21.85 -18.61
C ALA A 309 -31.88 -21.91 -17.67
N ALA A 310 -31.90 -21.05 -16.64
CA ALA A 310 -32.97 -21.01 -15.62
C ALA A 310 -34.22 -20.36 -16.25
N ARG A 311 -34.03 -19.26 -16.99
CA ARG A 311 -35.16 -18.55 -17.66
C ARG A 311 -35.80 -19.47 -18.71
N ARG A 312 -34.99 -20.19 -19.49
CA ARG A 312 -35.48 -21.14 -20.54
C ARG A 312 -36.36 -22.21 -19.87
N VAL A 313 -35.99 -22.64 -18.66
CA VAL A 313 -36.68 -23.74 -17.90
C VAL A 313 -37.62 -23.15 -16.81
N GLY A 314 -37.74 -21.82 -16.74
CA GLY A 314 -38.73 -21.09 -15.92
C GLY A 314 -38.41 -21.09 -14.42
N PHE A 315 -37.18 -21.35 -14.01
CA PHE A 315 -36.73 -21.29 -12.58
C PHE A 315 -36.39 -19.85 -12.22
N GLY A 316 -37.37 -19.14 -11.69
CA GLY A 316 -37.19 -17.75 -11.24
C GLY A 316 -36.57 -17.66 -9.87
N GLY A 317 -36.14 -16.46 -9.49
CA GLY A 317 -35.51 -16.20 -8.20
C GLY A 317 -34.06 -16.59 -8.25
N PHE A 318 -33.49 -16.88 -7.09
CA PHE A 318 -32.05 -17.16 -6.95
C PHE A 318 -31.76 -18.62 -7.30
N SER A 319 -30.69 -18.90 -8.03
CA SER A 319 -30.19 -20.28 -8.26
C SER A 319 -29.07 -20.56 -7.29
N ALA A 320 -29.14 -21.70 -6.61
CA ALA A 320 -28.07 -22.14 -5.68
C ALA A 320 -26.79 -22.48 -6.48
N ALA A 321 -26.90 -22.79 -7.78
CA ALA A 321 -25.72 -23.00 -8.64
C ALA A 321 -24.78 -21.78 -8.55
N ALA A 322 -25.28 -20.59 -8.28
CA ALA A 322 -24.48 -19.34 -8.34
C ALA A 322 -23.71 -19.07 -7.06
N VAL A 323 -23.95 -19.81 -6.00
CA VAL A 323 -23.39 -19.53 -4.65
C VAL A 323 -21.84 -19.52 -4.68
N LYS A 324 -21.19 -20.50 -5.29
CA LYS A 324 -19.71 -20.60 -5.07
C LYS A 324 -18.98 -19.42 -5.72
N VAL A 325 -19.59 -18.74 -6.69
CA VAL A 325 -18.90 -17.67 -7.46
C VAL A 325 -19.44 -16.28 -7.08
N LEU A 326 -20.10 -16.16 -5.92
CA LEU A 326 -20.70 -14.90 -5.42
C LEU A 326 -20.19 -14.64 -4.01
N LYS A 327 -19.86 -13.39 -3.67
CA LYS A 327 -19.55 -12.99 -2.27
C LYS A 327 -20.81 -12.93 -1.42
N SER A 328 -21.95 -12.45 -1.92
CA SER A 328 -23.15 -12.14 -1.10
C SER A 328 -24.41 -12.68 -1.74
N PRO A 329 -24.52 -14.02 -1.85
CA PRO A 329 -25.60 -14.63 -2.61
C PRO A 329 -26.87 -14.38 -1.81
N ALA A 330 -28.02 -14.27 -2.46
CA ALA A 330 -29.33 -14.30 -1.76
C ALA A 330 -29.35 -15.49 -0.80
N GLY A 331 -29.72 -15.25 0.46
CA GLY A 331 -29.91 -16.28 1.49
C GLY A 331 -28.67 -16.43 2.36
N GLY A 332 -27.52 -15.96 1.84
CA GLY A 332 -26.25 -15.89 2.57
C GLY A 332 -25.55 -17.24 2.61
N HIS A 333 -24.22 -17.20 2.49
CA HIS A 333 -23.32 -18.38 2.43
C HIS A 333 -23.60 -19.36 3.57
N PRO A 334 -23.76 -18.89 4.83
CA PRO A 334 -24.04 -19.79 5.96
C PRO A 334 -25.11 -20.86 5.71
N SER A 335 -26.17 -20.50 4.96
CA SER A 335 -27.37 -21.34 4.67
C SER A 335 -27.19 -22.23 3.43
N TYR A 336 -25.94 -22.45 2.98
CA TYR A 336 -25.63 -23.28 1.78
C TYR A 336 -24.35 -24.12 1.95
N THR A 337 -24.52 -25.41 1.68
CA THR A 337 -23.48 -26.47 1.50
C THR A 337 -23.27 -26.66 0.00
N SER A 338 -22.13 -27.22 -0.39
CA SER A 338 -21.73 -27.36 -1.81
C SER A 338 -22.56 -28.49 -2.47
N GLU A 339 -23.26 -29.32 -1.67
CA GLU A 339 -24.31 -30.25 -2.17
C GLU A 339 -25.49 -29.47 -2.77
N ASP A 340 -25.97 -28.46 -2.02
CA ASP A 340 -27.04 -27.54 -2.47
C ASP A 340 -26.62 -27.02 -3.85
N VAL A 341 -25.33 -26.73 -4.02
CA VAL A 341 -24.82 -26.05 -5.23
C VAL A 341 -24.82 -27.05 -6.38
N ALA A 342 -24.18 -28.20 -6.19
CA ALA A 342 -24.03 -29.32 -7.15
C ALA A 342 -25.37 -29.92 -7.52
N GLU A 343 -26.33 -30.00 -6.56
CA GLU A 343 -27.73 -30.43 -6.79
C GLU A 343 -28.38 -29.50 -7.83
N ALA A 344 -28.20 -28.19 -7.65
CA ALA A 344 -28.82 -27.12 -8.46
C ALA A 344 -28.26 -27.17 -9.89
N TYR A 345 -26.95 -27.39 -10.07
CA TYR A 345 -26.31 -27.62 -11.40
C TYR A 345 -26.89 -28.88 -12.05
N ARG A 346 -26.97 -29.98 -11.31
CA ARG A 346 -27.53 -31.28 -11.76
C ARG A 346 -28.99 -31.09 -12.20
N GLN A 347 -29.85 -30.51 -11.39
CA GLN A 347 -31.27 -30.36 -11.78
C GLN A 347 -31.38 -29.34 -12.94
N LEU A 348 -30.58 -28.26 -12.97
CA LEU A 348 -30.65 -27.27 -14.07
C LEU A 348 -30.27 -27.92 -15.41
N ASP A 349 -29.19 -28.70 -15.42
CA ASP A 349 -28.67 -29.43 -16.62
C ASP A 349 -29.62 -30.58 -17.01
N ALA A 350 -30.20 -31.27 -16.02
CA ALA A 350 -31.03 -32.48 -16.25
C ALA A 350 -32.44 -32.05 -16.68
N VAL A 351 -32.84 -30.82 -16.36
CA VAL A 351 -34.16 -30.31 -16.76
C VAL A 351 -34.01 -29.84 -18.20
N THR A 352 -32.84 -29.33 -18.56
CA THR A 352 -32.57 -28.82 -19.92
C THR A 352 -32.50 -29.99 -20.91
N GLU A 353 -31.69 -31.01 -20.64
CA GLU A 353 -31.64 -32.29 -21.40
C GLU A 353 -33.06 -32.76 -21.64
N ALA A 354 -33.89 -32.75 -20.60
CA ALA A 354 -35.31 -33.17 -20.59
C ALA A 354 -36.16 -32.18 -21.38
N MET A 355 -36.46 -31.00 -20.76
CA MET A 355 -36.94 -29.66 -21.27
C MET A 355 -38.30 -29.31 -20.64
N GLU B 3 35.86 10.25 26.51
CA GLU B 3 35.21 11.45 27.16
C GLU B 3 33.79 11.64 26.62
N SER B 4 32.81 11.35 27.47
CA SER B 4 31.41 11.00 27.10
C SER B 4 30.67 12.28 26.66
N ILE B 5 29.85 12.19 25.60
CA ILE B 5 28.93 13.27 25.13
C ILE B 5 27.78 13.45 26.14
N ARG B 6 27.59 14.67 26.63
CA ARG B 6 26.42 15.07 27.44
C ARG B 6 25.30 15.50 26.46
N LEU B 7 24.29 14.63 26.31
CA LEU B 7 23.39 14.66 25.13
C LEU B 7 21.97 14.96 25.60
N ALA B 8 21.39 16.00 24.98
CA ALA B 8 20.05 16.53 25.30
C ALA B 8 19.12 16.14 24.15
N VAL B 9 17.84 15.94 24.44
CA VAL B 9 16.91 15.28 23.50
C VAL B 9 15.64 16.11 23.46
N ALA B 10 15.27 16.59 22.29
CA ALA B 10 13.96 17.21 22.11
C ALA B 10 13.15 16.15 21.39
N GLY B 11 12.28 15.47 22.11
CA GLY B 11 11.43 14.37 21.62
C GLY B 11 12.02 13.01 22.01
N VAL B 12 11.34 12.28 22.88
CA VAL B 12 11.75 10.95 23.35
C VAL B 12 10.93 9.88 22.64
N GLY B 13 11.22 9.72 21.36
CA GLY B 13 10.53 8.78 20.46
C GLY B 13 11.24 7.44 20.28
N ASN B 14 10.77 6.73 19.26
CA ASN B 14 11.40 5.48 18.78
C ASN B 14 12.90 5.73 18.57
N ASN B 15 13.29 6.86 17.98
CA ASN B 15 14.72 7.14 17.65
C ASN B 15 15.59 7.09 18.92
N ILE B 16 15.09 7.56 20.06
CA ILE B 16 15.90 7.70 21.31
C ILE B 16 15.80 6.39 22.08
N SER B 17 14.70 5.67 21.94
CA SER B 17 14.60 4.27 22.47
C SER B 17 15.73 3.46 21.87
N ALA B 18 15.88 3.59 20.54
CA ALA B 18 16.89 2.91 19.73
C ALA B 18 18.29 3.37 20.12
N LEU B 19 18.52 4.65 20.31
CA LEU B 19 19.87 5.20 20.59
C LEU B 19 20.34 4.80 21.98
N PHE B 20 19.44 4.90 22.95
CA PHE B 20 19.72 4.68 24.40
C PHE B 20 19.96 3.19 24.62
N GLN B 21 19.00 2.34 24.27
CA GLN B 21 19.17 0.87 24.35
C GLN B 21 20.35 0.45 23.47
N GLY B 22 20.49 1.02 22.27
CA GLY B 22 21.62 0.63 21.42
C GLY B 22 22.94 0.81 22.14
N ALA B 23 23.20 2.02 22.63
CA ALA B 23 24.44 2.39 23.33
C ALA B 23 24.73 1.41 24.47
N GLU B 24 23.72 0.92 25.20
CA GLU B 24 23.94 -0.04 26.33
C GLU B 24 24.09 -1.48 25.81
N LEU B 25 23.57 -1.80 24.63
CA LEU B 25 23.84 -3.10 24.00
C LEU B 25 25.32 -3.14 23.64
N TYR B 26 25.87 -2.12 22.96
CA TYR B 26 27.32 -2.09 22.63
C TYR B 26 28.14 -2.09 23.92
N ARG B 27 27.68 -1.46 25.01
CA ARG B 27 28.45 -1.43 26.28
C ARG B 27 28.59 -2.86 26.79
N LYS B 28 27.51 -3.65 26.68
CA LYS B 28 27.38 -5.06 27.12
C LYS B 28 28.34 -5.91 26.29
N MET B 29 28.33 -5.74 24.97
CA MET B 29 29.19 -6.50 24.02
C MET B 29 30.67 -6.24 24.33
N SER B 30 31.04 -5.03 24.80
CA SER B 30 32.43 -4.66 25.23
C SER B 30 32.85 -5.59 26.38
N ALA B 31 32.01 -5.69 27.41
CA ALA B 31 32.23 -6.57 28.56
C ALA B 31 32.33 -8.01 28.03
N GLU B 32 31.25 -8.55 27.50
CA GLU B 32 31.15 -9.96 27.06
C GLU B 32 32.26 -10.25 26.04
N GLY B 33 33.06 -9.25 25.58
CA GLY B 33 34.38 -9.51 24.96
C GLY B 33 34.65 -8.76 23.66
N VAL B 34 33.62 -8.40 22.89
CA VAL B 34 33.68 -8.04 21.44
C VAL B 34 34.47 -6.74 21.27
N ALA B 35 35.45 -6.77 20.37
CA ALA B 35 36.22 -5.59 19.92
C ALA B 35 35.30 -4.70 19.09
N GLU B 36 35.55 -3.39 19.08
CA GLU B 36 34.63 -2.42 18.44
C GLU B 36 34.74 -2.51 16.91
N ALA B 37 35.81 -3.07 16.35
CA ALA B 37 35.86 -3.25 14.88
C ALA B 37 34.85 -4.33 14.49
N ASP B 38 34.49 -5.22 15.43
CA ASP B 38 33.52 -6.31 15.17
C ASP B 38 32.10 -5.88 15.58
N PHE B 39 31.90 -4.64 16.03
CA PHE B 39 30.54 -4.13 16.35
C PHE B 39 29.67 -4.15 15.09
N PRO B 40 28.49 -4.81 15.12
CA PRO B 40 27.57 -4.80 13.98
C PRO B 40 26.92 -3.42 13.78
N GLY B 41 27.00 -2.90 12.56
CA GLY B 41 26.21 -1.74 12.09
C GLY B 41 26.92 -0.43 12.32
N ILE B 42 28.20 -0.47 12.66
CA ILE B 42 29.04 0.72 12.97
C ILE B 42 29.99 0.98 11.80
N LYS B 43 29.78 2.04 11.02
CA LYS B 43 30.67 2.41 9.89
C LYS B 43 31.99 2.95 10.42
N ARG B 44 31.95 3.73 11.49
CA ARG B 44 33.14 4.45 12.05
C ARG B 44 33.12 4.28 13.56
N PRO B 45 33.89 3.35 14.15
CA PRO B 45 33.78 3.06 15.57
C PRO B 45 34.28 4.18 16.50
N ARG B 46 35.01 5.13 15.96
CA ARG B 46 35.37 6.35 16.73
C ARG B 46 35.32 7.58 15.81
N ILE B 47 34.87 8.69 16.36
CA ILE B 47 34.81 10.04 15.72
C ILE B 47 35.31 11.04 16.75
N GLY B 48 36.36 11.79 16.41
CA GLY B 48 37.16 12.49 17.42
C GLY B 48 37.21 11.71 18.73
N GLY B 49 37.70 10.45 18.68
CA GLY B 49 37.96 9.54 19.84
C GLY B 49 36.69 9.15 20.60
N ILE B 50 35.50 9.56 20.13
CA ILE B 50 34.19 9.21 20.78
C ILE B 50 33.69 7.91 20.20
N GLY B 51 33.51 6.93 21.08
CA GLY B 51 32.97 5.60 20.78
C GLY B 51 31.47 5.62 20.71
N VAL B 52 30.93 4.52 20.22
CA VAL B 52 29.50 4.39 19.90
C VAL B 52 28.69 4.33 21.21
N SER B 53 29.38 4.16 22.35
CA SER B 53 28.76 3.91 23.68
C SER B 53 28.97 5.10 24.61
N ASP B 54 29.67 6.14 24.13
CA ASP B 54 30.21 7.25 24.97
C ASP B 54 29.19 8.38 25.00
N LEU B 55 28.07 8.10 25.67
CA LEU B 55 26.78 8.83 25.65
C LEU B 55 26.25 8.97 27.08
N THR B 56 26.06 10.19 27.53
CA THR B 56 25.37 10.48 28.82
C THR B 56 24.15 11.32 28.49
N PHE B 57 22.95 10.79 28.65
CA PHE B 57 21.72 11.56 28.47
C PHE B 57 21.58 12.44 29.71
N VAL B 58 21.42 13.75 29.54
CA VAL B 58 21.46 14.72 30.68
C VAL B 58 20.12 15.45 30.76
N ALA B 59 19.36 15.40 29.66
CA ALA B 59 18.20 16.29 29.45
C ALA B 59 17.27 15.68 28.41
N ALA B 60 15.98 15.85 28.63
CA ALA B 60 14.93 15.30 27.77
C ALA B 60 13.69 16.18 27.88
N PHE B 61 13.09 16.45 26.72
CA PHE B 61 11.92 17.33 26.54
C PHE B 61 10.87 16.63 25.67
N ASP B 62 9.63 16.53 26.17
CA ASP B 62 8.47 15.90 25.48
C ASP B 62 7.18 16.63 25.91
N LEU B 63 6.03 16.25 25.32
CA LEU B 63 4.68 16.81 25.63
C LEU B 63 3.72 15.68 26.01
N HIS B 64 4.00 14.44 25.63
CA HIS B 64 3.08 13.29 25.90
C HIS B 64 3.04 12.99 27.41
N PRO B 65 1.81 12.90 27.97
CA PRO B 65 1.61 12.61 29.40
C PRO B 65 2.31 11.36 30.00
N ASN B 66 2.51 10.30 29.22
CA ASN B 66 3.27 9.07 29.61
C ASN B 66 4.78 9.36 29.76
N LYS B 67 5.27 10.45 29.13
CA LYS B 67 6.71 10.78 29.06
C LYS B 67 7.07 11.95 29.99
N VAL B 68 6.19 12.91 30.22
CA VAL B 68 6.52 14.14 31.02
C VAL B 68 6.57 13.79 32.52
N GLY B 69 7.67 14.15 33.18
CA GLY B 69 7.90 13.93 34.63
C GLY B 69 8.07 12.46 34.98
N VAL B 70 8.22 11.62 33.95
CA VAL B 70 8.70 10.23 34.09
C VAL B 70 10.23 10.22 34.00
N PRO B 71 10.90 9.38 34.82
CA PRO B 71 12.35 9.22 34.69
C PRO B 71 12.71 8.63 33.31
N PHE B 72 13.78 9.18 32.73
CA PHE B 72 14.19 8.97 31.31
C PHE B 72 14.12 7.51 30.96
N LYS B 73 14.82 6.68 31.75
CA LYS B 73 14.87 5.21 31.66
C LYS B 73 13.50 4.64 31.31
N ASP B 74 12.43 5.14 31.92
CA ASP B 74 11.05 4.58 31.80
C ASP B 74 10.33 5.22 30.61
N ALA B 75 10.48 6.53 30.46
CA ALA B 75 9.95 7.38 29.37
C ALA B 75 10.30 6.84 27.98
N VAL B 76 11.55 6.40 27.76
CA VAL B 76 12.03 5.92 26.43
C VAL B 76 11.25 4.67 26.05
N LEU B 77 10.88 3.83 27.03
CA LEU B 77 10.17 2.57 26.70
C LEU B 77 8.68 2.81 26.70
N ALA B 78 8.26 3.98 27.16
CA ALA B 78 6.85 4.30 27.46
C ALA B 78 6.05 4.46 26.18
N GLU B 79 4.85 3.90 26.21
CA GLU B 79 3.81 4.06 25.17
C GLU B 79 3.77 5.50 24.66
N PRO B 80 3.57 5.76 23.35
CA PRO B 80 3.43 4.73 22.33
C PRO B 80 4.72 4.34 21.58
N ASN B 81 5.89 4.47 22.24
CA ASN B 81 7.22 3.96 21.77
C ASN B 81 7.15 2.43 21.68
N ASN B 82 7.53 1.88 20.53
CA ASN B 82 7.35 0.44 20.23
C ASN B 82 8.60 -0.03 19.47
N TYR B 83 9.73 0.64 19.60
CA TYR B 83 11.04 0.02 19.35
C TYR B 83 11.13 -1.17 20.30
N PRO B 84 11.75 -2.30 19.91
CA PRO B 84 11.88 -3.46 20.81
C PRO B 84 12.67 -3.16 22.10
N LEU B 85 12.37 -3.91 23.15
CA LEU B 85 13.27 -4.18 24.30
C LEU B 85 14.41 -5.07 23.82
N LEU B 86 15.65 -4.63 24.01
CA LEU B 86 16.83 -5.34 23.47
C LEU B 86 17.37 -6.32 24.51
N GLY B 87 16.85 -6.34 25.74
CA GLY B 87 17.31 -7.34 26.73
C GLY B 87 18.70 -7.00 27.23
N VAL B 88 18.83 -5.75 27.67
CA VAL B 88 20.06 -5.20 28.28
C VAL B 88 19.62 -4.51 29.56
N GLU B 89 20.43 -4.57 30.62
CA GLU B 89 20.11 -3.81 31.84
C GLU B 89 20.36 -2.35 31.49
N LEU B 90 19.31 -1.66 31.04
CA LEU B 90 19.38 -0.21 30.75
C LEU B 90 19.64 0.51 32.08
N PRO B 91 20.71 1.38 32.22
CA PRO B 91 21.09 2.12 33.42
C PRO B 91 20.11 3.28 33.68
N ASP B 92 20.05 3.75 34.94
CA ASP B 92 19.22 4.92 35.31
C ASP B 92 20.14 6.13 35.32
N PRO B 93 19.97 7.10 34.39
CA PRO B 93 20.85 8.26 34.32
C PRO B 93 20.51 9.31 35.40
N GLY B 94 19.37 9.15 36.09
CA GLY B 94 19.06 9.86 37.35
C GLY B 94 18.24 11.14 37.19
N PHE B 95 17.85 11.49 35.96
CA PHE B 95 17.00 12.69 35.68
C PHE B 95 15.63 12.26 35.15
N SER B 96 14.79 13.26 34.87
CA SER B 96 13.38 13.06 34.47
C SER B 96 13.10 13.95 33.27
N VAL B 97 12.16 13.52 32.41
CA VAL B 97 11.76 14.26 31.18
C VAL B 97 11.05 15.55 31.62
N ASP B 98 11.64 16.72 31.33
CA ASP B 98 10.98 18.03 31.55
C ASP B 98 9.96 18.26 30.43
N ALA B 99 9.07 19.24 30.60
CA ALA B 99 8.06 19.69 29.63
C ALA B 99 8.75 20.40 28.45
N GLY B 100 8.32 20.13 27.23
CA GLY B 100 8.87 20.83 26.04
C GLY B 100 8.18 22.17 25.82
N LEU B 101 8.52 22.81 24.70
CA LEU B 101 7.86 24.02 24.13
C LEU B 101 6.61 23.58 23.37
N THR B 102 5.45 24.12 23.73
CA THR B 102 4.23 24.09 22.88
C THR B 102 4.28 25.31 21.93
N GLU B 103 3.53 25.30 20.83
CA GLU B 103 3.64 26.31 19.73
C GLU B 103 3.59 27.74 20.30
N GLU B 104 2.76 28.02 21.32
CA GLU B 104 2.62 29.39 21.93
C GLU B 104 3.89 29.78 22.70
N ASP B 105 4.63 28.83 23.25
CA ASP B 105 5.93 29.07 23.94
C ASP B 105 7.08 29.21 22.92
N ALA B 106 6.81 29.33 21.62
CA ALA B 106 7.87 29.47 20.59
C ALA B 106 8.82 30.61 20.99
N ASP B 107 8.24 31.78 21.29
CA ASP B 107 8.93 33.08 21.48
C ASP B 107 9.99 32.99 22.58
N PRO B 108 11.25 33.47 22.34
CA PRO B 108 12.37 33.27 23.28
C PRO B 108 12.16 33.85 24.68
N SER B 109 11.19 34.75 24.87
CA SER B 109 10.95 35.38 26.19
C SER B 109 9.85 34.63 26.97
N SER B 110 9.22 33.59 26.39
CA SER B 110 8.24 32.74 27.11
C SER B 110 8.93 32.11 28.31
N PRO B 111 8.19 31.77 29.39
CA PRO B 111 8.75 31.00 30.52
C PRO B 111 9.28 29.60 30.19
N ALA B 112 8.63 28.88 29.27
CA ALA B 112 9.12 27.60 28.71
C ALA B 112 10.51 27.81 28.12
N PHE B 113 10.62 28.69 27.12
CA PHE B 113 11.91 28.93 26.40
C PHE B 113 13.03 29.18 27.42
N ARG B 114 12.75 30.01 28.44
CA ARG B 114 13.76 30.43 29.45
C ARG B 114 14.14 29.20 30.27
N ARG B 115 13.15 28.38 30.63
CA ARG B 115 13.40 27.15 31.42
C ARG B 115 14.30 26.19 30.62
N ILE B 116 14.05 26.02 29.32
CA ILE B 116 14.81 25.06 28.46
C ILE B 116 16.25 25.54 28.34
N VAL B 117 16.46 26.81 28.05
CA VAL B 117 17.80 27.45 27.99
C VAL B 117 18.49 27.33 29.37
N GLU B 118 17.73 27.43 30.45
CA GLU B 118 18.12 27.02 31.83
C GLU B 118 18.64 25.59 31.82
N ARG B 119 17.81 24.64 31.36
CA ARG B 119 18.09 23.17 31.49
C ARG B 119 19.33 22.82 30.65
N LEU B 120 19.50 23.40 29.45
CA LEU B 120 20.66 23.07 28.58
C LEU B 120 21.96 23.56 29.25
N ARG B 121 21.91 24.76 29.86
CA ARG B 121 23.07 25.37 30.55
C ARG B 121 23.42 24.56 31.81
N GLU B 122 22.40 24.15 32.58
CA GLU B 122 22.55 23.52 33.93
C GLU B 122 23.06 22.09 33.77
N SER B 123 22.50 21.35 32.80
CA SER B 123 22.84 19.94 32.47
C SER B 123 24.19 19.88 31.76
N LYS B 124 24.76 21.02 31.42
CA LYS B 124 26.08 21.09 30.74
C LYS B 124 26.02 20.23 29.47
N ALA B 125 24.86 20.21 28.80
CA ALA B 125 24.68 19.50 27.52
C ALA B 125 25.67 20.07 26.49
N GLU B 126 26.07 19.23 25.56
CA GLU B 126 27.02 19.61 24.49
C GLU B 126 26.26 19.64 23.18
N VAL B 127 25.28 18.74 23.06
CA VAL B 127 24.50 18.51 21.82
C VAL B 127 23.04 18.45 22.23
N LEU B 128 22.20 19.18 21.52
CA LEU B 128 20.73 18.98 21.59
C LEU B 128 20.31 18.26 20.32
N LEU B 129 19.76 17.05 20.45
CA LEU B 129 19.18 16.25 19.35
C LEU B 129 17.69 16.57 19.20
N TYR B 130 17.34 17.19 18.09
CA TYR B 130 15.95 17.52 17.76
C TYR B 130 15.31 16.32 17.09
N SER B 131 14.38 15.67 17.74
CA SER B 131 13.86 14.38 17.22
C SER B 131 12.33 14.34 17.34
N LEU B 132 11.70 15.45 17.01
CA LEU B 132 10.23 15.63 17.04
C LEU B 132 9.63 15.07 15.76
N PRO B 133 8.28 15.01 15.70
CA PRO B 133 7.61 14.66 14.46
C PRO B 133 8.02 15.60 13.32
N THR B 134 7.91 15.11 12.10
CA THR B 134 8.08 15.91 10.87
C THR B 134 6.90 16.89 10.82
N GLY B 135 7.16 18.13 10.40
CA GLY B 135 6.13 19.11 10.02
C GLY B 135 6.10 20.31 10.95
N LEU B 136 6.94 20.35 11.98
CA LEU B 136 6.81 21.40 13.03
C LEU B 136 7.92 22.43 12.87
N GLN B 137 7.85 23.28 11.83
CA GLN B 137 8.83 24.36 11.50
C GLN B 137 9.04 25.31 12.69
N TRP B 138 7.99 25.71 13.39
CA TRP B 138 8.13 26.57 14.59
C TRP B 138 9.05 25.92 15.64
N ALA B 139 9.00 24.60 15.83
CA ALA B 139 9.69 23.92 16.96
C ALA B 139 11.17 23.76 16.62
N ALA B 140 11.45 23.28 15.41
CA ALA B 140 12.82 23.14 14.87
C ALA B 140 13.53 24.48 15.02
N ILE B 141 12.89 25.58 14.60
CA ILE B 141 13.49 26.95 14.77
C ILE B 141 13.71 27.21 16.26
N ALA B 142 12.69 26.94 17.08
CA ALA B 142 12.62 27.31 18.52
C ALA B 142 13.70 26.55 19.28
N TYR B 143 13.67 25.21 19.27
CA TYR B 143 14.72 24.40 19.93
C TYR B 143 16.10 24.81 19.41
N ALA B 144 16.19 25.26 18.17
CA ALA B 144 17.48 25.64 17.58
C ALA B 144 17.98 26.97 18.20
N ARG B 145 17.10 27.94 18.43
CA ARG B 145 17.53 29.24 19.00
C ARG B 145 17.79 29.02 20.50
N ALA B 146 17.04 28.11 21.11
CA ALA B 146 17.21 27.68 22.52
C ALA B 146 18.63 27.17 22.68
N ALA B 147 19.07 26.30 21.77
CA ALA B 147 20.40 25.66 21.76
C ALA B 147 21.46 26.70 21.53
N LEU B 148 21.20 27.58 20.57
CA LEU B 148 22.17 28.64 20.19
C LEU B 148 22.43 29.50 21.42
N GLU B 149 21.38 30.01 22.05
CA GLU B 149 21.46 30.98 23.18
C GLU B 149 22.37 30.43 24.28
N ALA B 150 22.27 29.13 24.54
CA ALA B 150 23.01 28.39 25.60
C ALA B 150 24.32 27.77 25.09
N LYS B 151 24.69 28.04 23.83
CA LYS B 151 25.97 27.64 23.17
C LYS B 151 26.04 26.11 23.00
N VAL B 152 24.91 25.44 22.84
CA VAL B 152 24.86 23.95 22.69
C VAL B 152 24.68 23.58 21.21
N ALA B 153 25.50 22.67 20.69
CA ALA B 153 25.42 22.15 19.29
C ALA B 153 23.99 21.64 19.00
N PHE B 154 23.50 21.83 17.78
CA PHE B 154 22.14 21.39 17.37
C PHE B 154 22.19 20.38 16.23
N VAL B 155 21.42 19.29 16.33
CA VAL B 155 21.28 18.25 15.26
C VAL B 155 19.82 18.15 14.82
N ASN B 156 19.54 18.43 13.55
CA ASN B 156 18.18 18.32 12.96
C ASN B 156 17.97 16.97 12.24
N CYS B 157 17.25 16.03 12.87
CA CYS B 157 16.77 14.79 12.20
C CYS B 157 15.72 15.01 11.10
N THR B 158 15.01 16.15 11.13
CA THR B 158 13.72 16.32 10.40
C THR B 158 13.94 17.09 9.11
N PRO B 159 12.95 17.09 8.18
CA PRO B 159 13.02 17.88 6.93
C PRO B 159 12.80 19.40 7.14
N GLU B 160 12.55 19.83 8.37
CA GLU B 160 12.37 21.28 8.65
C GLU B 160 13.64 22.04 8.30
N LEU B 161 13.46 23.28 7.82
CA LEU B 161 14.53 24.25 7.50
C LEU B 161 15.15 24.72 8.82
N VAL B 162 16.43 24.38 9.07
CA VAL B 162 17.25 24.89 10.22
C VAL B 162 18.67 25.17 9.72
N ALA B 163 19.47 24.14 9.48
CA ALA B 163 20.84 24.31 8.91
C ALA B 163 20.68 24.98 7.56
N ARG B 164 19.51 24.91 6.94
CA ARG B 164 19.38 25.40 5.54
C ARG B 164 18.97 26.89 5.51
N THR B 165 18.52 27.48 6.63
CA THR B 165 18.24 28.94 6.70
C THR B 165 19.58 29.66 6.88
N PRO B 166 20.10 30.33 5.81
CA PRO B 166 21.47 30.87 5.83
C PRO B 166 21.79 31.84 7.00
N GLU B 167 20.83 32.61 7.49
CA GLU B 167 21.12 33.56 8.61
C GLU B 167 21.24 32.81 9.94
N LEU B 168 20.47 31.76 10.18
CA LEU B 168 20.60 30.99 11.45
C LEU B 168 21.95 30.25 11.50
N LEU B 169 22.36 29.68 10.35
CA LEU B 169 23.69 29.07 10.10
C LEU B 169 24.79 30.09 10.42
N GLU B 170 24.78 31.25 9.75
CA GLU B 170 25.69 32.41 9.98
C GLU B 170 25.85 32.62 11.50
N GLU B 171 24.74 32.78 12.23
CA GLU B 171 24.80 33.05 13.69
C GLU B 171 25.52 31.88 14.39
N PHE B 172 25.07 30.64 14.20
CA PHE B 172 25.75 29.42 14.72
C PHE B 172 27.23 29.42 14.33
N GLU B 173 27.55 29.60 13.03
CA GLU B 173 28.94 29.64 12.49
C GLU B 173 29.78 30.58 13.37
N LYS B 174 29.33 31.83 13.51
CA LYS B 174 30.05 32.97 14.16
C LYS B 174 30.17 32.74 15.68
N ALA B 175 29.25 31.99 16.28
CA ALA B 175 29.20 31.75 17.75
C ALA B 175 30.10 30.57 18.17
N GLY B 176 30.86 29.99 17.23
CA GLY B 176 31.65 28.76 17.44
C GLY B 176 30.82 27.53 17.77
N VAL B 177 29.58 27.44 17.29
CA VAL B 177 28.62 26.37 17.68
C VAL B 177 28.28 25.58 16.42
N PRO B 178 28.34 24.22 16.48
CA PRO B 178 27.99 23.37 15.34
C PRO B 178 26.47 23.33 15.17
N LEU B 179 26.05 23.38 13.91
CA LEU B 179 24.63 23.20 13.50
C LEU B 179 24.61 22.13 12.40
N ILE B 180 23.98 20.98 12.67
CA ILE B 180 24.10 19.76 11.81
C ILE B 180 22.70 19.42 11.29
N GLY B 181 22.53 19.52 9.98
CA GLY B 181 21.22 19.34 9.37
C GLY B 181 21.28 19.65 7.88
N ASP B 182 20.18 19.35 7.18
CA ASP B 182 18.96 18.83 7.80
C ASP B 182 18.54 17.46 7.23
N ASP B 183 17.77 16.71 8.02
CA ASP B 183 16.94 15.57 7.58
C ASP B 183 17.77 14.29 7.44
N LEU B 184 17.65 13.34 8.40
CA LEU B 184 18.40 12.04 8.37
C LEU B 184 18.12 11.29 7.07
N ALA B 185 19.18 10.87 6.37
CA ALA B 185 19.15 9.79 5.35
C ALA B 185 19.30 8.42 6.04
N SER B 186 18.25 7.60 6.03
CA SER B 186 18.16 6.39 6.88
C SER B 186 19.38 5.50 6.60
N HIS B 187 19.88 4.79 7.62
CA HIS B 187 21.11 3.95 7.53
C HIS B 187 21.08 3.18 6.20
N LEU B 188 19.99 2.43 5.99
CA LEU B 188 19.72 1.76 4.69
C LEU B 188 18.27 1.97 4.31
N GLY B 189 18.06 2.86 3.37
CA GLY B 189 16.69 3.31 3.09
C GLY B 189 16.16 2.68 1.85
N THR B 190 14.84 2.58 1.79
CA THR B 190 14.09 2.08 0.64
C THR B 190 14.67 2.65 -0.64
N SER B 191 14.88 3.98 -0.62
CA SER B 191 15.07 4.79 -1.85
C SER B 191 16.49 4.55 -2.39
N VAL B 192 17.49 4.39 -1.53
CA VAL B 192 18.85 4.06 -2.02
C VAL B 192 18.82 2.68 -2.65
N VAL B 193 18.07 1.71 -2.12
CA VAL B 193 17.96 0.39 -2.79
C VAL B 193 17.24 0.56 -4.12
N HIS B 194 16.09 1.21 -4.16
CA HIS B 194 15.34 1.34 -5.44
C HIS B 194 16.24 2.01 -6.49
N ARG B 195 16.91 3.07 -6.06
CA ARG B 195 17.73 3.96 -6.92
C ARG B 195 18.91 3.18 -7.48
N ALA B 196 19.57 2.37 -6.65
CA ALA B 196 20.74 1.57 -7.03
C ALA B 196 20.33 0.59 -8.14
N LEU B 197 19.17 -0.03 -8.01
CA LEU B 197 18.70 -1.05 -8.97
C LEU B 197 18.37 -0.36 -10.26
N LEU B 198 17.72 0.81 -10.19
CA LEU B 198 17.33 1.54 -11.43
C LEU B 198 18.61 2.02 -12.09
N GLY B 199 19.58 2.46 -11.29
CA GLY B 199 20.96 2.81 -11.71
C GLY B 199 21.57 1.73 -12.60
N LEU B 200 21.55 0.47 -12.13
CA LEU B 200 22.06 -0.74 -12.80
C LEU B 200 21.44 -0.88 -14.18
N LEU B 201 20.10 -0.84 -14.25
CA LEU B 201 19.38 -1.01 -15.53
C LEU B 201 19.85 0.00 -16.57
N SER B 202 20.04 1.26 -16.21
CA SER B 202 20.28 2.34 -17.21
C SER B 202 21.78 2.47 -17.53
N GLU B 203 22.64 2.30 -16.52
CA GLU B 203 24.12 2.15 -16.65
C GLU B 203 24.41 1.09 -17.74
N ARG B 204 23.76 -0.08 -17.75
CA ARG B 204 24.09 -1.17 -18.73
C ARG B 204 23.12 -1.08 -19.92
N GLY B 205 22.18 -0.13 -19.93
CA GLY B 205 21.42 0.27 -21.12
C GLY B 205 20.15 -0.53 -21.27
N LEU B 206 19.62 -1.07 -20.17
CA LEU B 206 18.30 -1.74 -20.22
C LEU B 206 17.20 -0.66 -20.16
N SER B 207 16.10 -0.87 -20.87
CA SER B 207 15.04 0.16 -20.95
C SER B 207 14.05 -0.10 -19.80
N LEU B 208 13.62 0.96 -19.11
CA LEU B 208 12.58 0.86 -18.05
C LEU B 208 11.21 0.85 -18.74
N ALA B 209 10.40 -0.13 -18.46
CA ALA B 209 8.96 -0.14 -18.77
C ALA B 209 8.23 0.51 -17.59
N SER B 210 8.59 0.18 -16.34
CA SER B 210 7.74 0.53 -15.19
C SER B 210 8.40 0.09 -13.91
N SER B 211 8.05 0.78 -12.82
CA SER B 211 8.52 0.41 -11.46
C SER B 211 7.53 0.94 -10.43
N TYR B 212 7.40 0.28 -9.29
CA TYR B 212 6.72 0.83 -8.10
C TYR B 212 7.54 0.47 -6.88
N GLN B 213 7.36 1.31 -5.89
CA GLN B 213 7.91 1.20 -4.52
C GLN B 213 6.72 1.43 -3.60
N LEU B 214 6.44 0.53 -2.66
CA LEU B 214 5.49 0.85 -1.58
C LEU B 214 6.10 0.47 -0.24
N ASN B 215 5.76 1.21 0.82
CA ASN B 215 6.28 1.09 2.21
C ASN B 215 5.10 0.82 3.16
N LEU B 216 5.36 0.09 4.24
CA LEU B 216 4.35 -0.25 5.28
C LEU B 216 5.04 0.06 6.59
N GLY B 217 4.33 0.53 7.61
CA GLY B 217 4.91 0.84 8.92
C GLY B 217 3.87 0.75 9.98
N GLY B 218 4.25 0.93 11.24
CA GLY B 218 3.30 0.81 12.38
C GLY B 218 3.70 1.61 13.58
N ASN B 219 4.48 2.68 13.42
CA ASN B 219 4.90 3.59 14.53
C ASN B 219 4.31 4.99 14.34
N GLU B 220 4.51 5.83 15.35
CA GLU B 220 4.01 7.21 15.37
C GLU B 220 4.63 7.94 14.17
N ASP B 221 5.90 7.72 13.82
CA ASP B 221 6.51 8.47 12.69
C ASP B 221 5.65 8.21 11.44
N PHE B 222 5.40 6.95 11.16
CA PHE B 222 4.71 6.55 9.91
C PHE B 222 3.27 7.08 9.93
N ARG B 223 2.59 6.95 11.06
CA ARG B 223 1.24 7.50 11.35
C ARG B 223 1.20 9.04 11.11
N ASN B 224 2.21 9.78 11.59
CA ASN B 224 2.38 11.23 11.31
C ASN B 224 2.52 11.47 9.80
N LEU B 225 3.49 10.85 9.13
CA LEU B 225 3.74 11.18 7.70
C LEU B 225 2.42 11.09 6.90
N ARG B 226 1.64 10.02 7.15
CA ARG B 226 0.29 9.63 6.60
C ARG B 226 -0.59 10.85 6.22
N ARG B 233 7.70 12.57 0.24
CA ARG B 233 7.31 11.68 -0.89
C ARG B 233 7.90 12.16 -2.22
N GLN B 234 7.87 13.47 -2.50
CA GLN B 234 8.48 14.09 -3.70
C GLN B 234 9.99 13.81 -3.74
N SER B 235 10.64 13.95 -2.58
CA SER B 235 12.04 13.56 -2.28
C SER B 235 12.34 12.15 -2.81
N LYS B 236 11.38 11.22 -2.65
CA LYS B 236 11.52 9.80 -3.08
C LYS B 236 11.61 9.70 -4.60
N ILE B 237 10.82 10.49 -5.34
CA ILE B 237 10.60 10.30 -6.82
C ILE B 237 11.70 11.06 -7.59
N ASN B 238 12.29 12.06 -6.94
CA ASN B 238 13.47 12.84 -7.40
C ASN B 238 14.72 11.94 -7.39
N ALA B 239 14.92 11.26 -6.24
CA ALA B 239 15.94 10.20 -5.96
C ALA B 239 16.12 9.31 -7.19
N LEU B 240 15.02 8.92 -7.83
CA LEU B 240 15.03 7.94 -8.93
C LEU B 240 15.32 8.65 -10.27
N ALA B 241 15.30 10.00 -10.29
CA ALA B 241 15.85 10.85 -11.39
C ALA B 241 16.88 11.83 -10.82
N VAL B 245 17.09 7.37 -16.70
CA VAL B 245 15.90 6.78 -16.02
C VAL B 245 14.64 7.47 -16.55
N ASP B 246 13.83 6.81 -17.42
CA ASP B 246 12.47 7.28 -17.80
C ASP B 246 11.54 7.02 -16.60
N THR B 247 11.09 8.05 -15.87
CA THR B 247 10.20 7.96 -14.67
C THR B 247 8.73 8.25 -15.03
N SER B 248 8.36 8.34 -16.32
CA SER B 248 6.93 8.55 -16.69
C SER B 248 6.10 7.35 -16.20
N ASN B 249 6.70 6.16 -15.98
CA ASN B 249 5.96 4.99 -15.41
C ASN B 249 6.61 4.47 -14.11
N VAL B 250 7.16 5.33 -13.28
CA VAL B 250 7.69 4.99 -11.93
C VAL B 250 6.78 5.59 -10.88
N GLU B 251 6.20 4.80 -9.99
CA GLU B 251 5.21 5.25 -9.00
C GLU B 251 5.85 5.04 -7.63
N VAL B 252 5.82 6.02 -6.77
CA VAL B 252 6.15 5.79 -5.36
C VAL B 252 4.86 5.92 -4.55
N ILE B 253 4.54 4.93 -3.74
CA ILE B 253 3.58 5.08 -2.60
C ILE B 253 4.34 5.05 -1.27
N PRO B 254 4.79 6.21 -0.72
CA PRO B 254 5.55 6.25 0.54
C PRO B 254 4.72 5.83 1.75
N SER B 255 3.39 5.75 1.63
CA SER B 255 2.52 5.30 2.74
C SER B 255 1.41 4.38 2.23
N ALA B 256 1.77 3.17 1.75
CA ALA B 256 0.80 2.17 1.24
C ALA B 256 -0.21 1.84 2.33
N GLY B 257 0.15 2.00 3.60
CA GLY B 257 -0.74 1.49 4.67
C GLY B 257 -0.01 1.26 5.96
N TYR B 258 -0.78 1.41 7.02
CA TYR B 258 -0.31 1.41 8.41
C TYR B 258 -0.73 0.06 9.00
N VAL B 259 0.26 -0.76 9.37
CA VAL B 259 -0.01 -2.13 9.89
C VAL B 259 0.49 -2.18 11.32
N ALA B 260 -0.46 -2.29 12.23
CA ALA B 260 -0.27 -2.00 13.66
C ALA B 260 0.79 -2.96 14.20
N HIS B 261 0.70 -4.25 13.83
CA HIS B 261 1.59 -5.33 14.35
C HIS B 261 3.01 -5.25 13.76
N LEU B 262 3.30 -4.39 12.78
CA LEU B 262 4.69 -4.05 12.38
C LEU B 262 5.38 -3.17 13.44
N LYS B 263 4.66 -2.38 14.24
CA LYS B 263 5.29 -1.47 15.23
C LYS B 263 6.37 -0.61 14.56
N ASP B 264 7.59 -0.57 15.11
CA ASP B 264 8.74 0.20 14.56
C ASP B 264 9.40 -0.50 13.38
N HIS B 265 8.89 -1.63 12.89
CA HIS B 265 9.40 -2.24 11.64
C HIS B 265 8.93 -1.47 10.42
N LYS B 266 9.72 -1.42 9.37
CA LYS B 266 9.25 -0.82 8.11
C LYS B 266 9.51 -1.87 7.02
N VAL B 267 8.56 -2.08 6.12
CA VAL B 267 8.63 -3.02 5.00
C VAL B 267 8.55 -2.22 3.73
N ALA B 268 9.34 -2.56 2.72
CA ALA B 268 9.36 -1.95 1.39
C ALA B 268 9.17 -3.07 0.37
N MET B 269 8.43 -2.86 -0.70
CA MET B 269 8.23 -3.89 -1.72
C MET B 269 8.50 -3.15 -3.01
N LEU B 270 9.34 -3.68 -3.88
CA LEU B 270 9.53 -2.94 -5.14
C LEU B 270 9.47 -3.91 -6.30
N ASN B 271 9.07 -3.33 -7.43
CA ASN B 271 8.93 -4.00 -8.74
C ASN B 271 9.66 -3.13 -9.75
N ILE B 272 10.49 -3.74 -10.58
CA ILE B 272 11.13 -3.09 -11.75
C ILE B 272 10.94 -4.00 -12.93
N GLU B 273 10.47 -3.43 -14.03
CA GLU B 273 10.14 -4.16 -15.27
C GLU B 273 10.96 -3.51 -16.35
N GLY B 274 12.08 -4.13 -16.70
CA GLY B 274 12.96 -3.63 -17.78
C GLY B 274 12.65 -4.28 -19.09
N LEU B 275 13.25 -3.78 -20.14
CA LEU B 275 13.20 -4.46 -21.45
C LEU B 275 14.65 -4.54 -21.92
N GLY B 276 15.03 -5.69 -22.46
CA GLY B 276 16.43 -5.88 -22.89
C GLY B 276 16.41 -6.12 -24.35
N TRP B 277 17.34 -6.94 -24.83
CA TRP B 277 17.42 -7.24 -26.28
C TRP B 277 16.06 -7.69 -26.77
N ALA B 278 15.59 -7.08 -27.87
CA ALA B 278 14.39 -7.53 -28.60
C ALA B 278 13.12 -7.35 -27.77
N GLY B 279 13.21 -6.50 -26.73
CA GLY B 279 12.09 -6.17 -25.85
C GLY B 279 11.67 -7.33 -24.94
N THR B 280 12.56 -8.27 -24.65
CA THR B 280 12.25 -9.36 -23.68
C THR B 280 12.32 -8.76 -22.29
N PRO B 281 11.41 -9.17 -21.38
CA PRO B 281 11.36 -8.58 -20.05
C PRO B 281 12.53 -8.96 -19.14
N VAL B 282 13.02 -7.98 -18.41
CA VAL B 282 13.88 -8.17 -17.23
C VAL B 282 13.04 -7.81 -16.03
N SER B 283 12.70 -8.77 -15.17
CA SER B 283 11.78 -8.53 -14.02
C SER B 283 12.54 -8.53 -12.68
N ILE B 284 12.28 -7.60 -11.76
CA ILE B 284 12.84 -7.61 -10.38
C ILE B 284 11.69 -7.41 -9.37
N ASP B 285 11.62 -8.27 -8.37
CA ASP B 285 10.68 -8.19 -7.25
C ASP B 285 11.58 -8.16 -6.02
N LEU B 286 11.41 -7.21 -5.10
CA LEU B 286 12.28 -7.13 -3.91
C LEU B 286 11.40 -6.88 -2.67
N LYS B 287 11.72 -7.49 -1.52
CA LYS B 287 11.19 -7.10 -0.21
C LYS B 287 12.36 -6.65 0.68
N LEU B 288 12.20 -5.54 1.40
CA LEU B 288 13.14 -4.99 2.39
C LEU B 288 12.43 -4.99 3.72
N LYS B 289 12.98 -5.61 4.76
CA LYS B 289 12.46 -5.41 6.13
C LYS B 289 13.58 -4.76 6.94
N VAL B 290 13.31 -3.71 7.73
CA VAL B 290 14.30 -3.08 8.66
C VAL B 290 13.62 -2.67 9.97
N GLN B 291 14.39 -2.44 11.02
CA GLN B 291 13.93 -1.79 12.28
C GLN B 291 14.01 -0.30 12.05
N ASP B 292 12.91 0.34 11.62
CA ASP B 292 12.93 1.74 11.07
C ASP B 292 13.78 2.64 11.98
N SER B 293 13.63 2.57 13.29
CA SER B 293 14.34 3.51 14.20
C SER B 293 15.80 3.11 14.46
N SER B 294 16.22 1.91 14.07
CA SER B 294 17.67 1.55 13.98
C SER B 294 18.22 2.29 12.76
N ASN B 295 17.40 2.47 11.72
CA ASN B 295 17.86 3.19 10.50
C ASN B 295 18.11 4.63 10.88
N ALA B 296 17.47 5.15 11.94
CA ALA B 296 17.72 6.52 12.45
C ALA B 296 18.99 6.47 13.27
N ALA B 297 19.03 5.61 14.29
CA ALA B 297 20.10 5.63 15.33
C ALA B 297 21.46 5.27 14.68
N GLY B 298 21.46 4.37 13.73
CA GLY B 298 22.66 4.08 12.91
C GLY B 298 23.27 5.29 12.26
N VAL B 299 22.51 6.39 12.13
CA VAL B 299 23.04 7.64 11.50
C VAL B 299 23.15 8.74 12.56
N ILE B 300 22.25 8.76 13.53
CA ILE B 300 22.30 9.72 14.64
C ILE B 300 23.66 9.54 15.30
N ILE B 301 24.04 8.32 15.66
CA ILE B 301 25.34 8.11 16.38
C ILE B 301 26.51 8.76 15.64
N ASP B 302 26.51 8.79 14.31
CA ASP B 302 27.46 9.54 13.45
C ASP B 302 27.31 11.04 13.76
N LEU B 303 26.14 11.64 13.47
CA LEU B 303 25.89 13.10 13.56
C LEU B 303 26.17 13.62 14.99
N ILE B 304 25.69 12.96 16.04
CA ILE B 304 25.87 13.52 17.41
C ILE B 304 27.34 13.55 17.76
N ARG B 305 28.13 12.61 17.25
CA ARG B 305 29.59 12.59 17.56
C ARG B 305 30.24 13.65 16.66
N ILE B 306 29.73 13.84 15.43
CA ILE B 306 30.33 14.87 14.54
C ILE B 306 30.14 16.20 15.27
N ALA B 307 28.95 16.38 15.83
CA ALA B 307 28.50 17.54 16.62
C ALA B 307 29.45 17.80 17.79
N ALA B 308 29.49 16.88 18.76
CA ALA B 308 30.23 17.05 20.04
C ALA B 308 31.71 17.31 19.76
N ALA B 309 32.37 16.50 18.92
CA ALA B 309 33.83 16.60 18.69
C ALA B 309 34.16 17.97 18.10
N ALA B 310 33.28 18.50 17.25
CA ALA B 310 33.41 19.80 16.57
C ALA B 310 33.28 20.94 17.59
N ARG B 311 32.32 20.86 18.50
CA ARG B 311 32.20 21.85 19.60
C ARG B 311 33.44 21.82 20.52
N ARG B 312 33.96 20.63 20.84
CA ARG B 312 35.20 20.44 21.67
C ARG B 312 36.38 21.12 20.95
N VAL B 313 36.42 21.08 19.63
CA VAL B 313 37.53 21.64 18.80
C VAL B 313 37.15 23.03 18.23
N GLY B 314 35.95 23.55 18.55
CA GLY B 314 35.48 24.90 18.17
C GLY B 314 35.21 25.09 16.68
N PHE B 315 34.93 24.01 15.95
CA PHE B 315 34.46 24.05 14.53
C PHE B 315 32.94 24.25 14.51
N GLY B 316 32.50 25.50 14.53
CA GLY B 316 31.07 25.87 14.48
C GLY B 316 30.56 25.82 13.04
N GLY B 317 29.25 25.96 12.89
CA GLY B 317 28.60 25.87 11.59
C GLY B 317 28.39 24.42 11.19
N PHE B 318 28.23 24.23 9.89
CA PHE B 318 27.96 22.89 9.30
C PHE B 318 29.30 22.14 9.12
N SER B 319 29.33 20.86 9.46
CA SER B 319 30.49 19.98 9.17
C SER B 319 30.18 19.20 7.90
N ALA B 320 31.15 19.15 6.98
CA ALA B 320 31.01 18.37 5.74
C ALA B 320 31.02 16.86 6.06
N ALA B 321 31.51 16.42 7.22
CA ALA B 321 31.50 15.00 7.59
C ALA B 321 30.07 14.50 7.70
N ALA B 322 29.09 15.39 7.79
CA ALA B 322 27.67 15.00 8.06
C ALA B 322 26.96 14.71 6.75
N VAL B 323 27.61 14.95 5.61
CA VAL B 323 26.87 15.08 4.33
C VAL B 323 26.25 13.73 3.94
N LYS B 324 27.00 12.65 4.01
CA LYS B 324 26.50 11.38 3.43
C LYS B 324 25.30 10.87 4.21
N VAL B 325 25.08 11.32 5.47
CA VAL B 325 23.97 10.77 6.30
C VAL B 325 22.80 11.76 6.41
N LEU B 326 22.72 12.76 5.51
CA LEU B 326 21.65 13.80 5.53
C LEU B 326 21.01 13.85 4.15
N LYS B 327 19.68 14.06 4.09
CA LYS B 327 18.99 14.35 2.80
C LYS B 327 19.27 15.80 2.36
N SER B 328 19.37 16.76 3.29
CA SER B 328 19.30 18.21 2.98
C SER B 328 20.37 18.97 3.75
N PRO B 329 21.65 18.67 3.50
CA PRO B 329 22.73 19.25 4.28
C PRO B 329 22.80 20.71 3.88
N ALA B 330 23.20 21.58 4.80
CA ALA B 330 23.52 22.98 4.50
C ALA B 330 24.46 23.01 3.29
N GLY B 331 24.10 23.80 2.27
CA GLY B 331 24.94 24.07 1.08
C GLY B 331 24.60 23.13 -0.07
N GLY B 332 23.85 22.08 0.23
CA GLY B 332 23.30 21.15 -0.77
C GLY B 332 24.33 20.14 -1.21
N HIS B 333 23.88 18.92 -1.49
CA HIS B 333 24.69 17.77 -1.97
C HIS B 333 25.54 18.17 -3.18
N PRO B 334 24.98 18.88 -4.18
CA PRO B 334 25.74 19.24 -5.37
C PRO B 334 27.08 19.96 -5.08
N SER B 335 27.23 20.66 -3.95
CA SER B 335 28.47 21.38 -3.56
C SER B 335 29.43 20.50 -2.71
N TYR B 336 29.30 19.17 -2.71
CA TYR B 336 30.14 18.26 -1.89
C TYR B 336 30.46 16.97 -2.66
N THR B 337 31.74 16.55 -2.61
CA THR B 337 32.32 15.29 -3.15
C THR B 337 32.60 14.34 -1.99
N SER B 338 32.96 13.06 -2.25
CA SER B 338 33.28 12.05 -1.18
C SER B 338 34.49 12.49 -0.38
N GLU B 339 35.41 13.18 -1.07
CA GLU B 339 36.68 13.67 -0.48
C GLU B 339 36.37 14.85 0.44
N ASP B 340 35.43 15.73 0.09
CA ASP B 340 34.97 16.82 0.99
C ASP B 340 34.59 16.18 2.34
N VAL B 341 33.94 15.03 2.29
CA VAL B 341 33.36 14.38 3.49
C VAL B 341 34.51 13.76 4.27
N ALA B 342 35.30 12.93 3.60
CA ALA B 342 36.56 12.31 4.10
C ALA B 342 37.52 13.34 4.72
N GLU B 343 37.81 14.45 4.02
CA GLU B 343 38.72 15.56 4.46
C GLU B 343 38.26 16.06 5.84
N ALA B 344 36.96 16.31 5.99
CA ALA B 344 36.30 16.76 7.23
C ALA B 344 36.42 15.71 8.34
N TYR B 345 36.22 14.41 8.08
CA TYR B 345 36.38 13.31 9.09
C TYR B 345 37.83 13.22 9.59
N ARG B 346 38.75 13.18 8.64
CA ARG B 346 40.22 13.04 8.88
C ARG B 346 40.72 14.26 9.66
N GLN B 347 40.36 15.49 9.22
CA GLN B 347 40.74 16.75 9.92
C GLN B 347 40.11 16.74 11.33
N LEU B 348 38.85 16.32 11.47
CA LEU B 348 38.14 16.41 12.76
C LEU B 348 38.79 15.47 13.77
N ASP B 349 39.10 14.25 13.34
CA ASP B 349 39.74 13.20 14.18
C ASP B 349 41.13 13.67 14.59
N ALA B 350 41.88 14.21 13.64
CA ALA B 350 43.32 14.51 13.77
C ALA B 350 43.51 15.80 14.59
N VAL B 351 42.56 16.71 14.57
CA VAL B 351 42.74 17.97 15.37
C VAL B 351 42.49 17.54 16.80
N THR B 352 41.43 16.78 17.02
CA THR B 352 41.06 16.23 18.35
C THR B 352 42.32 15.60 18.96
N GLU B 353 43.06 14.86 18.14
CA GLU B 353 44.34 14.21 18.54
C GLU B 353 45.20 15.27 19.27
N ALA B 354 45.66 16.31 18.55
CA ALA B 354 46.53 17.36 19.13
C ALA B 354 45.70 18.37 19.94
#